data_2KD4
# 
_entry.id   2KD4 
# 
_audit_conform.dict_name       mmcif_pdbx.dic 
_audit_conform.dict_version    5.392 
_audit_conform.dict_location   http://mmcif.pdb.org/dictionaries/ascii/mmcif_pdbx.dic 
# 
loop_
_database_2.database_id 
_database_2.database_code 
_database_2.pdbx_database_accession 
_database_2.pdbx_DOI 
PDB   2KD4         pdb_00002kd4 10.2210/pdb2kd4/pdb 
RCSB  RCSB100971   ?            ?                   
WWPDB D_1000100971 ?            ?                   
# 
loop_
_pdbx_audit_revision_history.ordinal 
_pdbx_audit_revision_history.data_content_type 
_pdbx_audit_revision_history.major_revision 
_pdbx_audit_revision_history.minor_revision 
_pdbx_audit_revision_history.revision_date 
1 'Structure model' 1 0 2009-04-07 
2 'Structure model' 1 1 2011-07-13 
3 'Structure model' 1 2 2022-03-16 
4 'Structure model' 1 3 2024-05-22 
# 
_pdbx_audit_revision_details.ordinal             1 
_pdbx_audit_revision_details.revision_ordinal    1 
_pdbx_audit_revision_details.data_content_type   'Structure model' 
_pdbx_audit_revision_details.provider            repository 
_pdbx_audit_revision_details.type                'Initial release' 
_pdbx_audit_revision_details.description         ? 
_pdbx_audit_revision_details.details             ? 
# 
loop_
_pdbx_audit_revision_group.ordinal 
_pdbx_audit_revision_group.revision_ordinal 
_pdbx_audit_revision_group.data_content_type 
_pdbx_audit_revision_group.group 
1 2 'Structure model' 'Version format compliance' 
2 3 'Structure model' Advisory                    
3 3 'Structure model' 'Data collection'           
4 3 'Structure model' 'Database references'       
5 3 'Structure model' 'Derived calculations'      
6 4 'Structure model' 'Data collection'           
# 
loop_
_pdbx_audit_revision_category.ordinal 
_pdbx_audit_revision_category.revision_ordinal 
_pdbx_audit_revision_category.data_content_type 
_pdbx_audit_revision_category.category 
1 3 'Structure model' database_2                    
2 3 'Structure model' pdbx_nmr_software             
3 3 'Structure model' pdbx_struct_assembly          
4 3 'Structure model' pdbx_struct_oper_list         
5 3 'Structure model' pdbx_validate_polymer_linkage 
6 3 'Structure model' struct_conn                   
7 3 'Structure model' struct_site                   
8 4 'Structure model' chem_comp_atom                
9 4 'Structure model' chem_comp_bond                
# 
loop_
_pdbx_audit_revision_item.ordinal 
_pdbx_audit_revision_item.revision_ordinal 
_pdbx_audit_revision_item.data_content_type 
_pdbx_audit_revision_item.item 
1 3 'Structure model' '_database_2.pdbx_DOI'                
2 3 'Structure model' '_database_2.pdbx_database_accession' 
3 3 'Structure model' '_pdbx_nmr_software.name'             
4 3 'Structure model' '_struct_conn.pdbx_leaving_atom_flag' 
5 3 'Structure model' '_struct_site.pdbx_auth_asym_id'      
6 3 'Structure model' '_struct_site.pdbx_auth_comp_id'      
7 3 'Structure model' '_struct_site.pdbx_auth_seq_id'       
# 
_pdbx_database_status.deposit_site                    BMRB 
_pdbx_database_status.entry_id                        2KD4 
_pdbx_database_status.process_site                    RCSB 
_pdbx_database_status.recvd_initial_deposition_date   2009-01-02 
_pdbx_database_status.SG_entry                        ? 
_pdbx_database_status.status_code                     REL 
_pdbx_database_status.status_code_mr                  REL 
_pdbx_database_status.status_code_sf                  ? 
_pdbx_database_status.pdb_format_compatible           Y 
_pdbx_database_status.status_code_cs                  ? 
_pdbx_database_status.status_code_nmr_data            ? 
_pdbx_database_status.methods_development_category    ? 
# 
loop_
_audit_author.name 
_audit_author.pdbx_ordinal 
'Horowitz, E.D.' 1 
'Lilavivat, S.'  2 
'Holladay, B.W.' 3 
'Germann, M.W.'  4 
'Hud, N.V.'      5 
# 
_citation.id                        primary 
_citation.title                     
;Solution structure and thermodynamics of 2',5' RNA intercalation.
;
_citation.journal_abbrev            J.Am.Chem.Soc. 
_citation.journal_volume            131 
_citation.page_first                5831 
_citation.page_last                 5838 
_citation.year                      2009 
_citation.journal_id_ASTM           JACSAT 
_citation.country                   US 
_citation.journal_id_ISSN           0002-7863 
_citation.journal_id_CSD            0004 
_citation.book_publisher            ? 
_citation.pdbx_database_id_PubMed   19309071 
_citation.pdbx_database_id_DOI      10.1021/ja810068e 
# 
loop_
_citation_author.citation_id 
_citation_author.name 
_citation_author.ordinal 
_citation_author.identifier_ORCID 
primary 'Horowitz, E.D.' 1 ? 
primary 'Lilavivat, S.'  2 ? 
primary 'Holladay, B.W.' 3 ? 
primary 'Germann, M.W.'  4 ? 
primary 'Hud, N.V.'      5 ? 
# 
loop_
_entity.id 
_entity.type 
_entity.src_method 
_entity.pdbx_description 
_entity.formula_weight 
_entity.pdbx_number_of_molecules 
_entity.pdbx_ec 
_entity.pdbx_mutation 
_entity.pdbx_fragment 
_entity.details 
1 polymer     syn "5'-R(*GP*CP*CP*GP*CP*GP*GP*C)-2'" 2556.593 2 ? ? ? ? 
2 non-polymer syn PROFLAVIN                          209.247  2 ? ? ? ? 
# 
_entity_poly.entity_id                      1 
_entity_poly.type                           polyribonucleotide 
_entity_poly.nstd_linkage                   no 
_entity_poly.nstd_monomer                   no 
_entity_poly.pdbx_seq_one_letter_code       GCCGCGGC 
_entity_poly.pdbx_seq_one_letter_code_can   GCCGCGGC 
_entity_poly.pdbx_strand_id                 A,B 
_entity_poly.pdbx_target_identifier         ? 
# 
_pdbx_entity_nonpoly.entity_id   2 
_pdbx_entity_nonpoly.name        PROFLAVIN 
_pdbx_entity_nonpoly.comp_id     PRL 
# 
loop_
_entity_poly_seq.entity_id 
_entity_poly_seq.num 
_entity_poly_seq.mon_id 
_entity_poly_seq.hetero 
1 1 G n 
1 2 C n 
1 3 C n 
1 4 G n 
1 5 C n 
1 6 G n 
1 7 G n 
1 8 C n 
# 
_pdbx_entity_src_syn.entity_id              1 
_pdbx_entity_src_syn.pdbx_src_id            1 
_pdbx_entity_src_syn.pdbx_alt_source_flag   sample 
_pdbx_entity_src_syn.pdbx_beg_seq_num       ? 
_pdbx_entity_src_syn.pdbx_end_seq_num       ? 
_pdbx_entity_src_syn.organism_scientific    ? 
_pdbx_entity_src_syn.organism_common_name   ? 
_pdbx_entity_src_syn.ncbi_taxonomy_id       ? 
_pdbx_entity_src_syn.details                
;Synthetic 2',5' RNA
;
# 
loop_
_chem_comp.id 
_chem_comp.type 
_chem_comp.mon_nstd_flag 
_chem_comp.name 
_chem_comp.pdbx_synonyms 
_chem_comp.formula 
_chem_comp.formula_weight 
C   'RNA linking' y "CYTIDINE-5'-MONOPHOSPHATE"  ? 'C9 H14 N3 O8 P'  323.197 
G   'RNA linking' y "GUANOSINE-5'-MONOPHOSPHATE" ? 'C10 H14 N5 O8 P' 363.221 
PRL non-polymer   . PROFLAVIN                    ? 'C13 H11 N3'      209.247 
# 
loop_
_pdbx_poly_seq_scheme.asym_id 
_pdbx_poly_seq_scheme.entity_id 
_pdbx_poly_seq_scheme.seq_id 
_pdbx_poly_seq_scheme.mon_id 
_pdbx_poly_seq_scheme.ndb_seq_num 
_pdbx_poly_seq_scheme.pdb_seq_num 
_pdbx_poly_seq_scheme.auth_seq_num 
_pdbx_poly_seq_scheme.pdb_mon_id 
_pdbx_poly_seq_scheme.auth_mon_id 
_pdbx_poly_seq_scheme.pdb_strand_id 
_pdbx_poly_seq_scheme.pdb_ins_code 
_pdbx_poly_seq_scheme.hetero 
A 1 1 G 1 1 1 G G A . n 
A 1 2 C 2 2 2 C C A . n 
A 1 3 C 3 3 3 C C A . n 
A 1 4 G 4 4 4 G G A . n 
A 1 5 C 5 5 5 C C A . n 
A 1 6 G 6 6 6 G G A . n 
A 1 7 G 7 7 7 G G A . n 
A 1 8 C 8 8 8 C C A . n 
B 1 1 G 1 1 1 G G B . n 
B 1 2 C 2 2 2 C C B . n 
B 1 3 C 3 3 3 C C B . n 
B 1 4 G 4 4 4 G G B . n 
B 1 5 C 5 5 5 C C B . n 
B 1 6 G 6 6 6 G G B . n 
B 1 7 G 7 7 7 G G B . n 
B 1 8 C 8 8 8 C C B . n 
# 
loop_
_pdbx_nonpoly_scheme.asym_id 
_pdbx_nonpoly_scheme.entity_id 
_pdbx_nonpoly_scheme.mon_id 
_pdbx_nonpoly_scheme.ndb_seq_num 
_pdbx_nonpoly_scheme.pdb_seq_num 
_pdbx_nonpoly_scheme.auth_seq_num 
_pdbx_nonpoly_scheme.pdb_mon_id 
_pdbx_nonpoly_scheme.auth_mon_id 
_pdbx_nonpoly_scheme.pdb_strand_id 
_pdbx_nonpoly_scheme.pdb_ins_code 
C 2 PRL 1 17 17 PRL PRL A . 
D 2 PRL 1 17 17 PRL PRL B . 
# 
_exptl.absorpt_coefficient_mu     ? 
_exptl.absorpt_correction_T_max   ? 
_exptl.absorpt_correction_T_min   ? 
_exptl.absorpt_correction_type    ? 
_exptl.absorpt_process_details    ? 
_exptl.crystals_number            ? 
_exptl.details                    ? 
_exptl.entry_id                   2KD4 
_exptl.method                     'SOLUTION NMR' 
_exptl.method_details             ? 
# 
_struct.entry_id                  2KD4 
_struct.title                     
;Solution structure and thermodynamics of 2',5' RNA intercalation
;
_struct.pdbx_model_details        'lowest energy, model 1' 
_struct.pdbx_CASP_flag            ? 
_struct.pdbx_model_type_details   ? 
# 
_struct_keywords.entry_id        2KD4 
_struct_keywords.pdbx_keywords   RNA 
_struct_keywords.text            
;proflavine, intercalation, 2', 5' RNA, RNA, nearest-neighbor exclusion
;
# 
loop_
_struct_asym.id 
_struct_asym.pdbx_blank_PDB_chainid_flag 
_struct_asym.pdbx_modified 
_struct_asym.entity_id 
_struct_asym.details 
A N N 1 ? 
B N N 1 ? 
C N N 2 ? 
D N N 2 ? 
# 
_struct_ref.id                         1 
_struct_ref.db_name                    PDB 
_struct_ref.db_code                    2KD4 
_struct_ref.pdbx_db_accession          2KD4 
_struct_ref.entity_id                  1 
_struct_ref.pdbx_align_begin           1 
_struct_ref.pdbx_seq_one_letter_code   GCCGCGGC 
_struct_ref.pdbx_db_isoform            ? 
# 
loop_
_struct_ref_seq.align_id 
_struct_ref_seq.ref_id 
_struct_ref_seq.pdbx_PDB_id_code 
_struct_ref_seq.pdbx_strand_id 
_struct_ref_seq.seq_align_beg 
_struct_ref_seq.pdbx_seq_align_beg_ins_code 
_struct_ref_seq.seq_align_end 
_struct_ref_seq.pdbx_seq_align_end_ins_code 
_struct_ref_seq.pdbx_db_accession 
_struct_ref_seq.db_align_beg 
_struct_ref_seq.pdbx_db_align_beg_ins_code 
_struct_ref_seq.db_align_end 
_struct_ref_seq.pdbx_db_align_end_ins_code 
_struct_ref_seq.pdbx_auth_seq_align_beg 
_struct_ref_seq.pdbx_auth_seq_align_end 
1 1 2KD4 A 1 ? 8 ? 2KD4 1 ? 8 ? 1 8 
2 1 2KD4 B 1 ? 8 ? 2KD4 1 ? 8 ? 1 8 
# 
_pdbx_struct_assembly.id                   1 
_pdbx_struct_assembly.details              author_defined_assembly 
_pdbx_struct_assembly.method_details       ? 
_pdbx_struct_assembly.oligomeric_details   dimeric 
_pdbx_struct_assembly.oligomeric_count     2 
# 
_pdbx_struct_assembly_gen.assembly_id       1 
_pdbx_struct_assembly_gen.oper_expression   1 
_pdbx_struct_assembly_gen.asym_id_list      A,B,C,D 
# 
_pdbx_struct_oper_list.id                   1 
_pdbx_struct_oper_list.type                 'identity operation' 
_pdbx_struct_oper_list.name                 1_555 
_pdbx_struct_oper_list.symmetry_operation   x,y,z 
_pdbx_struct_oper_list.matrix[1][1]         1.0000000000 
_pdbx_struct_oper_list.matrix[1][2]         0.0000000000 
_pdbx_struct_oper_list.matrix[1][3]         0.0000000000 
_pdbx_struct_oper_list.vector[1]            0.0000000000 
_pdbx_struct_oper_list.matrix[2][1]         0.0000000000 
_pdbx_struct_oper_list.matrix[2][2]         1.0000000000 
_pdbx_struct_oper_list.matrix[2][3]         0.0000000000 
_pdbx_struct_oper_list.vector[2]            0.0000000000 
_pdbx_struct_oper_list.matrix[3][1]         0.0000000000 
_pdbx_struct_oper_list.matrix[3][2]         0.0000000000 
_pdbx_struct_oper_list.matrix[3][3]         1.0000000000 
_pdbx_struct_oper_list.vector[3]            0.0000000000 
# 
_struct_biol.id        1 
_struct_biol.details   ? 
# 
loop_
_struct_conn.id 
_struct_conn.conn_type_id 
_struct_conn.pdbx_leaving_atom_flag 
_struct_conn.pdbx_PDB_id 
_struct_conn.ptnr1_label_asym_id 
_struct_conn.ptnr1_label_comp_id 
_struct_conn.ptnr1_label_seq_id 
_struct_conn.ptnr1_label_atom_id 
_struct_conn.pdbx_ptnr1_label_alt_id 
_struct_conn.pdbx_ptnr1_PDB_ins_code 
_struct_conn.pdbx_ptnr1_standard_comp_id 
_struct_conn.ptnr1_symmetry 
_struct_conn.ptnr2_label_asym_id 
_struct_conn.ptnr2_label_comp_id 
_struct_conn.ptnr2_label_seq_id 
_struct_conn.ptnr2_label_atom_id 
_struct_conn.pdbx_ptnr2_label_alt_id 
_struct_conn.pdbx_ptnr2_PDB_ins_code 
_struct_conn.ptnr1_auth_asym_id 
_struct_conn.ptnr1_auth_comp_id 
_struct_conn.ptnr1_auth_seq_id 
_struct_conn.ptnr2_auth_asym_id 
_struct_conn.ptnr2_auth_comp_id 
_struct_conn.ptnr2_auth_seq_id 
_struct_conn.ptnr2_symmetry 
_struct_conn.pdbx_ptnr3_label_atom_id 
_struct_conn.pdbx_ptnr3_label_seq_id 
_struct_conn.pdbx_ptnr3_label_comp_id 
_struct_conn.pdbx_ptnr3_label_asym_id 
_struct_conn.pdbx_ptnr3_label_alt_id 
_struct_conn.pdbx_ptnr3_PDB_ins_code 
_struct_conn.details 
_struct_conn.pdbx_dist_value 
_struct_conn.pdbx_value_order 
_struct_conn.pdbx_role 
covale1  covale one ? A G 1 "O2'" ? ? ? 1_555 A C 2 P  ? ? A G 1 A C 2 1_555 ? ? ? ? ? ? ?            1.609 ? ? 
covale2  covale one ? A C 2 "O2'" ? ? ? 1_555 A C 3 P  ? ? A C 2 A C 3 1_555 ? ? ? ? ? ? ?            1.595 ? ? 
covale3  covale one ? A C 3 "O2'" ? ? ? 1_555 A G 4 P  ? ? A C 3 A G 4 1_555 ? ? ? ? ? ? ?            1.625 ? ? 
covale4  covale one ? A G 4 "O2'" ? ? ? 1_555 A C 5 P  ? ? A G 4 A C 5 1_555 ? ? ? ? ? ? ?            1.600 ? ? 
covale5  covale one ? A C 5 "O2'" ? ? ? 1_555 A G 6 P  ? ? A C 5 A G 6 1_555 ? ? ? ? ? ? ?            1.611 ? ? 
covale6  covale one ? A G 6 "O2'" ? ? ? 1_555 A G 7 P  ? ? A G 6 A G 7 1_555 ? ? ? ? ? ? ?            1.619 ? ? 
covale7  covale one ? A G 7 "O2'" ? ? ? 1_555 A C 8 P  ? ? A G 7 A C 8 1_555 ? ? ? ? ? ? ?            1.595 ? ? 
covale8  covale one ? B G 1 "O2'" ? ? ? 1_555 B C 2 P  ? ? B G 1 B C 2 1_555 ? ? ? ? ? ? ?            1.608 ? ? 
covale9  covale one ? B C 2 "O2'" ? ? ? 1_555 B C 3 P  ? ? B C 2 B C 3 1_555 ? ? ? ? ? ? ?            1.609 ? ? 
covale10 covale one ? B C 3 "O2'" ? ? ? 1_555 B G 4 P  ? ? B C 3 B G 4 1_555 ? ? ? ? ? ? ?            1.613 ? ? 
covale11 covale one ? B G 4 "O2'" ? ? ? 1_555 B C 5 P  ? ? B G 4 B C 5 1_555 ? ? ? ? ? ? ?            1.595 ? ? 
covale12 covale one ? B C 5 "O2'" ? ? ? 1_555 B G 6 P  ? ? B C 5 B G 6 1_555 ? ? ? ? ? ? ?            1.605 ? ? 
covale13 covale one ? B G 6 "O2'" ? ? ? 1_555 B G 7 P  ? ? B G 6 B G 7 1_555 ? ? ? ? ? ? ?            1.600 ? ? 
covale14 covale one ? B G 7 "O2'" ? ? ? 1_555 B C 8 P  ? ? B G 7 B C 8 1_555 ? ? ? ? ? ? ?            1.601 ? ? 
hydrog1  hydrog ?   ? A G 1 N1    ? ? ? 1_555 B C 8 N3 ? ? A G 1 B C 8 1_555 ? ? ? ? ? ? WATSON-CRICK ?     ? ? 
hydrog2  hydrog ?   ? A G 1 N2    ? ? ? 1_555 B C 8 O2 ? ? A G 1 B C 8 1_555 ? ? ? ? ? ? WATSON-CRICK ?     ? ? 
hydrog3  hydrog ?   ? A G 1 O6    ? ? ? 1_555 B C 8 N4 ? ? A G 1 B C 8 1_555 ? ? ? ? ? ? WATSON-CRICK ?     ? ? 
hydrog4  hydrog ?   ? A C 2 N3    ? ? ? 1_555 B G 7 N1 ? ? A C 2 B G 7 1_555 ? ? ? ? ? ? WATSON-CRICK ?     ? ? 
hydrog5  hydrog ?   ? A C 2 N4    ? ? ? 1_555 B G 7 O6 ? ? A C 2 B G 7 1_555 ? ? ? ? ? ? WATSON-CRICK ?     ? ? 
hydrog6  hydrog ?   ? A C 2 O2    ? ? ? 1_555 B G 7 N2 ? ? A C 2 B G 7 1_555 ? ? ? ? ? ? WATSON-CRICK ?     ? ? 
hydrog7  hydrog ?   ? A C 3 N3    ? ? ? 1_555 B G 6 N1 ? ? A C 3 B G 6 1_555 ? ? ? ? ? ? WATSON-CRICK ?     ? ? 
hydrog8  hydrog ?   ? A C 3 N4    ? ? ? 1_555 B G 6 O6 ? ? A C 3 B G 6 1_555 ? ? ? ? ? ? WATSON-CRICK ?     ? ? 
hydrog9  hydrog ?   ? A C 3 O2    ? ? ? 1_555 B G 6 N2 ? ? A C 3 B G 6 1_555 ? ? ? ? ? ? WATSON-CRICK ?     ? ? 
hydrog10 hydrog ?   ? A G 4 N1    ? ? ? 1_555 B C 5 N3 ? ? A G 4 B C 5 1_555 ? ? ? ? ? ? WATSON-CRICK ?     ? ? 
hydrog11 hydrog ?   ? A G 4 N2    ? ? ? 1_555 B C 5 O2 ? ? A G 4 B C 5 1_555 ? ? ? ? ? ? WATSON-CRICK ?     ? ? 
hydrog12 hydrog ?   ? A G 4 O6    ? ? ? 1_555 B C 5 N4 ? ? A G 4 B C 5 1_555 ? ? ? ? ? ? WATSON-CRICK ?     ? ? 
hydrog13 hydrog ?   ? A C 5 N3    ? ? ? 1_555 B G 4 N1 ? ? A C 5 B G 4 1_555 ? ? ? ? ? ? WATSON-CRICK ?     ? ? 
hydrog14 hydrog ?   ? A C 5 N4    ? ? ? 1_555 B G 4 O6 ? ? A C 5 B G 4 1_555 ? ? ? ? ? ? WATSON-CRICK ?     ? ? 
hydrog15 hydrog ?   ? A C 5 O2    ? ? ? 1_555 B G 4 N2 ? ? A C 5 B G 4 1_555 ? ? ? ? ? ? WATSON-CRICK ?     ? ? 
hydrog16 hydrog ?   ? A G 6 N1    ? ? ? 1_555 B C 3 N3 ? ? A G 6 B C 3 1_555 ? ? ? ? ? ? WATSON-CRICK ?     ? ? 
hydrog17 hydrog ?   ? A G 6 N2    ? ? ? 1_555 B C 3 O2 ? ? A G 6 B C 3 1_555 ? ? ? ? ? ? WATSON-CRICK ?     ? ? 
hydrog18 hydrog ?   ? A G 6 O6    ? ? ? 1_555 B C 3 N4 ? ? A G 6 B C 3 1_555 ? ? ? ? ? ? WATSON-CRICK ?     ? ? 
hydrog19 hydrog ?   ? A G 7 N1    ? ? ? 1_555 B C 2 N3 ? ? A G 7 B C 2 1_555 ? ? ? ? ? ? WATSON-CRICK ?     ? ? 
hydrog20 hydrog ?   ? A G 7 N2    ? ? ? 1_555 B C 2 O2 ? ? A G 7 B C 2 1_555 ? ? ? ? ? ? WATSON-CRICK ?     ? ? 
hydrog21 hydrog ?   ? A G 7 O6    ? ? ? 1_555 B C 2 N4 ? ? A G 7 B C 2 1_555 ? ? ? ? ? ? WATSON-CRICK ?     ? ? 
hydrog22 hydrog ?   ? A C 8 N3    ? ? ? 1_555 B G 1 N1 ? ? A C 8 B G 1 1_555 ? ? ? ? ? ? WATSON-CRICK ?     ? ? 
hydrog23 hydrog ?   ? A C 8 N4    ? ? ? 1_555 B G 1 O6 ? ? A C 8 B G 1 1_555 ? ? ? ? ? ? WATSON-CRICK ?     ? ? 
hydrog24 hydrog ?   ? A C 8 O2    ? ? ? 1_555 B G 1 N2 ? ? A C 8 B G 1 1_555 ? ? ? ? ? ? WATSON-CRICK ?     ? ? 
# 
loop_
_struct_conn_type.id 
_struct_conn_type.criteria 
_struct_conn_type.reference 
covale ? ? 
hydrog ? ? 
# 
loop_
_struct_site.id 
_struct_site.pdbx_evidence_code 
_struct_site.pdbx_auth_asym_id 
_struct_site.pdbx_auth_comp_id 
_struct_site.pdbx_auth_seq_id 
_struct_site.pdbx_auth_ins_code 
_struct_site.pdbx_num_residues 
_struct_site.details 
AC1 Software B PRL 17 ? 5 'BINDING SITE FOR RESIDUE PRL B 17' 
AC2 Software A PRL 17 ? 5 'BINDING SITE FOR RESIDUE PRL A 17' 
# 
loop_
_struct_site_gen.id 
_struct_site_gen.site_id 
_struct_site_gen.pdbx_num_res 
_struct_site_gen.label_comp_id 
_struct_site_gen.label_asym_id 
_struct_site_gen.label_seq_id 
_struct_site_gen.pdbx_auth_ins_code 
_struct_site_gen.auth_comp_id 
_struct_site_gen.auth_asym_id 
_struct_site_gen.auth_seq_id 
_struct_site_gen.label_atom_id 
_struct_site_gen.label_alt_id 
_struct_site_gen.symmetry 
_struct_site_gen.details 
1  AC1 5 G A 4 ? G A 4 . ? 1_555 ? 
2  AC1 5 C A 5 ? C A 5 . ? 1_555 ? 
3  AC1 5 G A 6 ? G A 6 . ? 1_555 ? 
4  AC1 5 C B 3 ? C B 3 . ? 1_555 ? 
5  AC1 5 G B 4 ? G B 4 . ? 1_555 ? 
6  AC2 5 C A 2 ? C A 2 . ? 1_555 ? 
7  AC2 5 C A 3 ? C A 3 . ? 1_555 ? 
8  AC2 5 G A 4 ? G A 4 . ? 1_555 ? 
9  AC2 5 C B 5 ? C B 5 . ? 1_555 ? 
10 AC2 5 G B 6 ? G B 6 . ? 1_555 ? 
# 
loop_
_pdbx_validate_rmsd_angle.id 
_pdbx_validate_rmsd_angle.PDB_model_num 
_pdbx_validate_rmsd_angle.auth_atom_id_1 
_pdbx_validate_rmsd_angle.auth_asym_id_1 
_pdbx_validate_rmsd_angle.auth_comp_id_1 
_pdbx_validate_rmsd_angle.auth_seq_id_1 
_pdbx_validate_rmsd_angle.PDB_ins_code_1 
_pdbx_validate_rmsd_angle.label_alt_id_1 
_pdbx_validate_rmsd_angle.auth_atom_id_2 
_pdbx_validate_rmsd_angle.auth_asym_id_2 
_pdbx_validate_rmsd_angle.auth_comp_id_2 
_pdbx_validate_rmsd_angle.auth_seq_id_2 
_pdbx_validate_rmsd_angle.PDB_ins_code_2 
_pdbx_validate_rmsd_angle.label_alt_id_2 
_pdbx_validate_rmsd_angle.auth_atom_id_3 
_pdbx_validate_rmsd_angle.auth_asym_id_3 
_pdbx_validate_rmsd_angle.auth_comp_id_3 
_pdbx_validate_rmsd_angle.auth_seq_id_3 
_pdbx_validate_rmsd_angle.PDB_ins_code_3 
_pdbx_validate_rmsd_angle.label_alt_id_3 
_pdbx_validate_rmsd_angle.angle_value 
_pdbx_validate_rmsd_angle.angle_target_value 
_pdbx_validate_rmsd_angle.angle_deviation 
_pdbx_validate_rmsd_angle.angle_standard_deviation 
_pdbx_validate_rmsd_angle.linker_flag 
1  1 "O4'" A G 1 ? ? "C4'" A G 1 ? ? "C3'" A G 1 ? ? 113.38 106.10 7.28   0.80 N 
2  1 "C5'" A G 1 ? ? "C4'" A G 1 ? ? "O4'" A G 1 ? ? 115.29 109.80 5.49   0.90 N 
3  1 N7    A G 1 ? ? C8    A G 1 ? ? N9    A G 1 ? ? 116.29 113.10 3.19   0.50 N 
4  1 "O4'" A C 2 ? ? "C4'" A C 2 ? ? "C3'" A C 2 ? ? 113.20 106.10 7.10   0.80 N 
5  1 "C3'" A C 2 ? ? "C2'" A C 2 ? ? "C1'" A C 2 ? ? 107.62 101.50 6.12   0.80 N 
6  1 "O4'" A C 2 ? ? "C1'" A C 2 ? ? N1    A C 2 ? ? 102.80 108.20 -5.40  0.80 N 
7  1 N1    A C 2 ? ? C2    A C 2 ? ? O2    A C 2 ? ? 122.66 118.90 3.76   0.60 N 
8  1 N3    A C 5 ? ? C2    A C 5 ? ? O2    A C 5 ? ? 117.58 121.90 -4.32  0.70 N 
9  1 C8    A G 6 ? ? N9    A G 6 ? ? C4    A G 6 ? ? 103.85 106.40 -2.55  0.40 N 
10 1 "O5'" A G 7 ? ? "C5'" A G 7 ? ? "C4'" A G 7 ? ? 125.35 111.70 13.65  1.90 N 
11 1 "C5'" A G 7 ? ? "C4'" A G 7 ? ? "C3'" A G 7 ? ? 104.82 115.20 -10.38 1.40 N 
12 1 "O4'" A G 7 ? ? "C1'" A G 7 ? ? N9    A G 7 ? ? 102.52 108.20 -5.68  0.80 N 
13 1 "O4'" A C 8 ? ? "C4'" A C 8 ? ? "C3'" A C 8 ? ? 111.10 106.10 5.00   0.80 N 
14 1 "C5'" A C 8 ? ? "C4'" A C 8 ? ? "O4'" A C 8 ? ? 115.81 109.80 6.01   0.90 N 
15 1 "C3'" A C 8 ? ? "C2'" A C 8 ? ? "C1'" A C 8 ? ? 106.94 101.50 5.44   0.80 N 
16 1 C6    A C 8 ? ? N1    A C 8 ? ? "C1'" A C 8 ? ? 113.21 120.80 -7.59  1.20 N 
17 1 C2    A C 8 ? ? N1    A C 8 ? ? "C1'" A C 8 ? ? 126.86 118.80 8.06   1.10 N 
18 1 "O4'" B G 1 ? ? "C4'" B G 1 ? ? "C3'" B G 1 ? ? 112.98 106.10 6.88   0.80 N 
19 1 "C5'" B G 1 ? ? "C4'" B G 1 ? ? "O4'" B G 1 ? ? 115.77 109.80 5.97   0.90 N 
20 1 "O4'" B C 2 ? ? "C4'" B C 2 ? ? "C3'" B C 2 ? ? 112.98 106.10 6.88   0.80 N 
21 1 "C3'" B C 2 ? ? "C2'" B C 2 ? ? "C1'" B C 2 ? ? 106.91 101.50 5.41   0.80 N 
22 1 "O4'" B C 2 ? ? "C1'" B C 2 ? ? N1    B C 2 ? ? 102.74 108.20 -5.46  0.80 N 
23 1 N3    B C 2 ? ? C2    B C 2 ? ? O2    B C 2 ? ? 117.70 121.90 -4.20  0.70 N 
24 1 "C3'" B G 6 ? ? "C2'" B G 6 ? ? "C1'" B G 6 ? ? 106.50 101.50 5.00   0.80 N 
25 1 "O4'" B G 7 ? ? "C1'" B G 7 ? ? N9    B G 7 ? ? 102.17 108.20 -6.03  0.80 N 
26 1 "C5'" B C 8 ? ? "C4'" B C 8 ? ? "O4'" B C 8 ? ? 116.33 109.80 6.53   0.90 N 
27 1 "C3'" B C 8 ? ? "C2'" B C 8 ? ? "C1'" B C 8 ? ? 106.35 101.50 4.85   0.80 N 
28 1 C6    B C 8 ? ? N1    B C 8 ? ? "C1'" B C 8 ? ? 113.01 120.80 -7.79  1.20 N 
29 1 C2    B C 8 ? ? N1    B C 8 ? ? "C1'" B C 8 ? ? 126.83 118.80 8.03   1.10 N 
# 
loop_
_pdbx_validate_planes.id 
_pdbx_validate_planes.PDB_model_num 
_pdbx_validate_planes.auth_comp_id 
_pdbx_validate_planes.auth_asym_id 
_pdbx_validate_planes.auth_seq_id 
_pdbx_validate_planes.PDB_ins_code 
_pdbx_validate_planes.label_alt_id 
_pdbx_validate_planes.rmsd 
_pdbx_validate_planes.type 
1  1 G A 1 ? ? 0.077 'SIDE CHAIN' 
2  1 C A 2 ? ? 0.120 'SIDE CHAIN' 
3  1 G A 4 ? ? 0.127 'SIDE CHAIN' 
4  1 G A 6 ? ? 0.149 'SIDE CHAIN' 
5  1 G A 7 ? ? 0.089 'SIDE CHAIN' 
6  1 G B 1 ? ? 0.065 'SIDE CHAIN' 
7  1 C B 2 ? ? 0.117 'SIDE CHAIN' 
8  1 G B 4 ? ? 0.115 'SIDE CHAIN' 
9  1 G B 6 ? ? 0.115 'SIDE CHAIN' 
10 1 G B 7 ? ? 0.129 'SIDE CHAIN' 
# 
_pdbx_nmr_ensemble.average_constraint_violations_per_residue     ? 
_pdbx_nmr_ensemble.average_constraints_per_residue               ? 
_pdbx_nmr_ensemble.average_distance_constraint_violation         ? 
_pdbx_nmr_ensemble.average_torsion_angle_constraint_violation    ? 
_pdbx_nmr_ensemble.conformer_selection_criteria                  'structures with the lowest energy' 
_pdbx_nmr_ensemble.conformers_calculated_total_number            10 
_pdbx_nmr_ensemble.conformers_submitted_total_number             1 
_pdbx_nmr_ensemble.distance_constraint_violation_method          ? 
_pdbx_nmr_ensemble.entry_id                                      2KD4 
_pdbx_nmr_ensemble.maximum_distance_constraint_violation         ? 
_pdbx_nmr_ensemble.maximum_lower_distance_constraint_violation   ? 
_pdbx_nmr_ensemble.maximum_torsion_angle_constraint_violation    ? 
_pdbx_nmr_ensemble.maximum_upper_distance_constraint_violation   ? 
_pdbx_nmr_ensemble.torsion_angle_constraint_violation_method     ? 
# 
_pdbx_nmr_representative.conformer_id         1 
_pdbx_nmr_representative.entry_id             2KD4 
_pdbx_nmr_representative.selection_criteria   'lowest energy' 
# 
_pdbx_nmr_sample_details.contents         
;2 mM 2',5' RNA-1, 4 mM PROFLAVINE-2, 60 mM Sodium Phosphate-3, 200 mM sodium chloride-4, 99.9% D2O
;
_pdbx_nmr_sample_details.solution_id      1 
_pdbx_nmr_sample_details.solvent_system   '99.9% D2O' 
# 
loop_
_pdbx_nmr_exptl_sample.component 
_pdbx_nmr_exptl_sample.concentration 
_pdbx_nmr_exptl_sample.concentration_range 
_pdbx_nmr_exptl_sample.concentration_units 
_pdbx_nmr_exptl_sample.isotopic_labeling 
_pdbx_nmr_exptl_sample.solution_id 
;2',5' RNA-1
;
2   ? mM ? 1 
PROFLAVINE-2         4   ? mM ? 1 
'Sodium phosphate-3' 60  ? mM ? 1 
'sodium chloride-4'  200 ? mM ? 1 
# 
loop_
_pdbx_nmr_exptl_sample_conditions.conditions_id 
_pdbx_nmr_exptl_sample_conditions.ionic_strength 
_pdbx_nmr_exptl_sample_conditions.pH 
_pdbx_nmr_exptl_sample_conditions.pressure 
_pdbx_nmr_exptl_sample_conditions.pressure_units 
_pdbx_nmr_exptl_sample_conditions.temperature 
_pdbx_nmr_exptl_sample_conditions.temperature_units 
1 260 6.5 1 atm 282 K 
2 130 ?   1 atm 282 K 
# 
loop_
_pdbx_nmr_exptl.conditions_id 
_pdbx_nmr_exptl.experiment_id 
_pdbx_nmr_exptl.solution_id 
_pdbx_nmr_exptl.type 
1 1 1 '1H-1H NOESY'                                  
1 2 1 '31P-1H HETCOR'                                
1 3 1 '1H-1H TOCSY'                                  
1 4 1 '31P-decoupled 1H-1H COSY'                     
2 5 1 '1H-1H NOESY with WATERGATE water suppression' 
# 
_pdbx_nmr_constraints.disulfide_bond_constraints_total_count        ? 
_pdbx_nmr_constraints.entry_id                                      2KD4 
_pdbx_nmr_constraints.hydrogen_bond_constraints_total_count         ? 
_pdbx_nmr_constraints.NA_alpha-angle_constraints_total_count        14 
_pdbx_nmr_constraints.NA_beta-angle_constraints_total_count         ? 
_pdbx_nmr_constraints.NA_chi-angle_constraints_total_count          ? 
_pdbx_nmr_constraints.NA_delta-angle_constraints_total_count        ? 
_pdbx_nmr_constraints.NA_epsilon-angle_constraints_total_count      ? 
_pdbx_nmr_constraints.NA_gamma-angle_constraints_total_count        ? 
_pdbx_nmr_constraints.NA_other-angle_constraints_total_count        14 
_pdbx_nmr_constraints.NA_sugar_pucker_constraints_total_count       ? 
_pdbx_nmr_constraints.NOE_constraints_total                         378 
_pdbx_nmr_constraints.NOE_interentity_total_count                   ? 
_pdbx_nmr_constraints.NOE_interproton_distance_evaluation           ? 
_pdbx_nmr_constraints.NOE_intraresidue_total_count                  258 
_pdbx_nmr_constraints.NOE_long_range_total_count                    ? 
_pdbx_nmr_constraints.NOE_medium_range_total_count                  378 
_pdbx_nmr_constraints.NOE_motional_averaging_correction             ? 
_pdbx_nmr_constraints.NOE_pseudoatom_corrections                    ? 
_pdbx_nmr_constraints.NOE_sequential_total_count                    258 
_pdbx_nmr_constraints.protein_chi_angle_constraints_total_count     ? 
_pdbx_nmr_constraints.protein_other_angle_constraints_total_count   ? 
_pdbx_nmr_constraints.protein_phi_angle_constraints_total_count     ? 
_pdbx_nmr_constraints.protein_psi_angle_constraints_total_count     ? 
# 
_pdbx_nmr_refine.entry_id           2KD4 
_pdbx_nmr_refine.method             'simulated annealing' 
_pdbx_nmr_refine.details            
'300 random structures were generated and annealed. The lowest 10 energy structures were then re-annealed' 
_pdbx_nmr_refine.software_ordinal   1 
# 
loop_
_pdbx_nmr_software.authors 
_pdbx_nmr_software.classification 
_pdbx_nmr_software.name 
_pdbx_nmr_software.version 
_pdbx_nmr_software.ordinal 
'Bruker Biospin'                                                          collection                  XwinNMR ? 1 
'Bruker Biospin'                                                          'data analysis'             XwinNMR ? 2 
'Bruker Biospin'                                                          processing                  XwinNMR ? 3 
Goddard                                                                   'chemical shift assignment' Sparky  ? 4 
Goddard                                                                   'data analysis'             Sparky  ? 5 
'Case, Darden, Cheatham, III, Simmerling, Wang, Duke, Luo, ... and Kollm' 'structure solution'        Amber   ? 6 
'Case, Darden, Cheatham, III, Simmerling, Wang, Duke, Luo, ... and Kollm' refinement                  Amber   ? 7 
# 
loop_
_chem_comp_atom.comp_id 
_chem_comp_atom.atom_id 
_chem_comp_atom.type_symbol 
_chem_comp_atom.pdbx_aromatic_flag 
_chem_comp_atom.pdbx_stereo_config 
_chem_comp_atom.pdbx_ordinal 
C   OP3    O N N 1   
C   P      P N N 2   
C   OP1    O N N 3   
C   OP2    O N N 4   
C   "O5'"  O N N 5   
C   "C5'"  C N N 6   
C   "C4'"  C N R 7   
C   "O4'"  O N N 8   
C   "C3'"  C N S 9   
C   "O3'"  O N N 10  
C   "C2'"  C N R 11  
C   "O2'"  O N N 12  
C   "C1'"  C N R 13  
C   N1     N N N 14  
C   C2     C N N 15  
C   O2     O N N 16  
C   N3     N N N 17  
C   C4     C N N 18  
C   N4     N N N 19  
C   C5     C N N 20  
C   C6     C N N 21  
C   HOP3   H N N 22  
C   HOP2   H N N 23  
C   "H5'"  H N N 24  
C   "H5''" H N N 25  
C   "H4'"  H N N 26  
C   "H3'"  H N N 27  
C   "HO3'" H N N 28  
C   "H2'"  H N N 29  
C   "HO2'" H N N 30  
C   "H1'"  H N N 31  
C   H41    H N N 32  
C   H42    H N N 33  
C   H5     H N N 34  
C   H6     H N N 35  
G   OP3    O N N 36  
G   P      P N N 37  
G   OP1    O N N 38  
G   OP2    O N N 39  
G   "O5'"  O N N 40  
G   "C5'"  C N N 41  
G   "C4'"  C N R 42  
G   "O4'"  O N N 43  
G   "C3'"  C N S 44  
G   "O3'"  O N N 45  
G   "C2'"  C N R 46  
G   "O2'"  O N N 47  
G   "C1'"  C N R 48  
G   N9     N Y N 49  
G   C8     C Y N 50  
G   N7     N Y N 51  
G   C5     C Y N 52  
G   C6     C N N 53  
G   O6     O N N 54  
G   N1     N N N 55  
G   C2     C N N 56  
G   N2     N N N 57  
G   N3     N N N 58  
G   C4     C Y N 59  
G   HOP3   H N N 60  
G   HOP2   H N N 61  
G   "H5'"  H N N 62  
G   "H5''" H N N 63  
G   "H4'"  H N N 64  
G   "H3'"  H N N 65  
G   "HO3'" H N N 66  
G   "H2'"  H N N 67  
G   "HO2'" H N N 68  
G   "H1'"  H N N 69  
G   H8     H N N 70  
G   H1     H N N 71  
G   H21    H N N 72  
G   H22    H N N 73  
PRL C1     C Y N 74  
PRL C2     C Y N 75  
PRL C3     C Y N 76  
PRL C4     C Y N 77  
PRL C5     C Y N 78  
PRL C6     C Y N 79  
PRL C7     C Y N 80  
PRL C8     C Y N 81  
PRL C9     C Y N 82  
PRL N10    N Y N 83  
PRL C11    C Y N 84  
PRL C12    C Y N 85  
PRL C13    C Y N 86  
PRL C14    C Y N 87  
PRL N15    N N N 88  
PRL N16    N N N 89  
PRL H1     H N N 90  
PRL H2     H N N 91  
PRL H4     H N N 92  
PRL H5     H N N 93  
PRL H7     H N N 94  
PRL H8     H N N 95  
PRL H9     H N N 96  
PRL HNF1   H N N 97  
PRL HNF2   H N N 98  
PRL HNG1   H N N 99  
PRL HNG2   H N N 100 
# 
loop_
_chem_comp_bond.comp_id 
_chem_comp_bond.atom_id_1 
_chem_comp_bond.atom_id_2 
_chem_comp_bond.value_order 
_chem_comp_bond.pdbx_aromatic_flag 
_chem_comp_bond.pdbx_stereo_config 
_chem_comp_bond.pdbx_ordinal 
C   OP3   P      sing N N 1   
C   OP3   HOP3   sing N N 2   
C   P     OP1    doub N N 3   
C   P     OP2    sing N N 4   
C   P     "O5'"  sing N N 5   
C   OP2   HOP2   sing N N 6   
C   "O5'" "C5'"  sing N N 7   
C   "C5'" "C4'"  sing N N 8   
C   "C5'" "H5'"  sing N N 9   
C   "C5'" "H5''" sing N N 10  
C   "C4'" "O4'"  sing N N 11  
C   "C4'" "C3'"  sing N N 12  
C   "C4'" "H4'"  sing N N 13  
C   "O4'" "C1'"  sing N N 14  
C   "C3'" "O3'"  sing N N 15  
C   "C3'" "C2'"  sing N N 16  
C   "C3'" "H3'"  sing N N 17  
C   "O3'" "HO3'" sing N N 18  
C   "C2'" "O2'"  sing N N 19  
C   "C2'" "C1'"  sing N N 20  
C   "C2'" "H2'"  sing N N 21  
C   "O2'" "HO2'" sing N N 22  
C   "C1'" N1     sing N N 23  
C   "C1'" "H1'"  sing N N 24  
C   N1    C2     sing N N 25  
C   N1    C6     sing N N 26  
C   C2    O2     doub N N 27  
C   C2    N3     sing N N 28  
C   N3    C4     doub N N 29  
C   C4    N4     sing N N 30  
C   C4    C5     sing N N 31  
C   N4    H41    sing N N 32  
C   N4    H42    sing N N 33  
C   C5    C6     doub N N 34  
C   C5    H5     sing N N 35  
C   C6    H6     sing N N 36  
G   OP3   P      sing N N 37  
G   OP3   HOP3   sing N N 38  
G   P     OP1    doub N N 39  
G   P     OP2    sing N N 40  
G   P     "O5'"  sing N N 41  
G   OP2   HOP2   sing N N 42  
G   "O5'" "C5'"  sing N N 43  
G   "C5'" "C4'"  sing N N 44  
G   "C5'" "H5'"  sing N N 45  
G   "C5'" "H5''" sing N N 46  
G   "C4'" "O4'"  sing N N 47  
G   "C4'" "C3'"  sing N N 48  
G   "C4'" "H4'"  sing N N 49  
G   "O4'" "C1'"  sing N N 50  
G   "C3'" "O3'"  sing N N 51  
G   "C3'" "C2'"  sing N N 52  
G   "C3'" "H3'"  sing N N 53  
G   "O3'" "HO3'" sing N N 54  
G   "C2'" "O2'"  sing N N 55  
G   "C2'" "C1'"  sing N N 56  
G   "C2'" "H2'"  sing N N 57  
G   "O2'" "HO2'" sing N N 58  
G   "C1'" N9     sing N N 59  
G   "C1'" "H1'"  sing N N 60  
G   N9    C8     sing Y N 61  
G   N9    C4     sing Y N 62  
G   C8    N7     doub Y N 63  
G   C8    H8     sing N N 64  
G   N7    C5     sing Y N 65  
G   C5    C6     sing N N 66  
G   C5    C4     doub Y N 67  
G   C6    O6     doub N N 68  
G   C6    N1     sing N N 69  
G   N1    C2     sing N N 70  
G   N1    H1     sing N N 71  
G   C2    N2     sing N N 72  
G   C2    N3     doub N N 73  
G   N2    H21    sing N N 74  
G   N2    H22    sing N N 75  
G   N3    C4     sing N N 76  
PRL C1    C2     doub Y N 77  
PRL C1    C13    sing Y N 78  
PRL C1    H1     sing N N 79  
PRL C2    C3     sing Y N 80  
PRL C2    H2     sing N N 81  
PRL C3    C4     doub Y N 82  
PRL C3    N15    sing N N 83  
PRL C4    C11    sing Y N 84  
PRL C4    H4     sing N N 85  
PRL C5    C6     doub Y N 86  
PRL C5    C14    sing Y N 87  
PRL C5    H5     sing N N 88  
PRL C6    C7     sing Y N 89  
PRL C6    N16    sing N N 90  
PRL C7    C8     doub Y N 91  
PRL C7    H7     sing N N 92  
PRL C8    C12    sing Y N 93  
PRL C8    H8     sing N N 94  
PRL C9    C12    doub Y N 95  
PRL C9    C13    sing Y N 96  
PRL C9    H9     sing N N 97  
PRL N10   C11    sing Y N 98  
PRL N10   C14    doub Y N 99  
PRL C11   C13    doub Y N 100 
PRL C12   C14    sing Y N 101 
PRL N15   HNF1   sing N N 102 
PRL N15   HNF2   sing N N 103 
PRL N16   HNG1   sing N N 104 
PRL N16   HNG2   sing N N 105 
# 
_ndb_struct_conf_na.entry_id   2KD4 
_ndb_struct_conf_na.feature    'double helix' 
# 
loop_
_ndb_struct_na_base_pair.model_number 
_ndb_struct_na_base_pair.i_label_asym_id 
_ndb_struct_na_base_pair.i_label_comp_id 
_ndb_struct_na_base_pair.i_label_seq_id 
_ndb_struct_na_base_pair.i_symmetry 
_ndb_struct_na_base_pair.j_label_asym_id 
_ndb_struct_na_base_pair.j_label_comp_id 
_ndb_struct_na_base_pair.j_label_seq_id 
_ndb_struct_na_base_pair.j_symmetry 
_ndb_struct_na_base_pair.shear 
_ndb_struct_na_base_pair.stretch 
_ndb_struct_na_base_pair.stagger 
_ndb_struct_na_base_pair.buckle 
_ndb_struct_na_base_pair.propeller 
_ndb_struct_na_base_pair.opening 
_ndb_struct_na_base_pair.pair_number 
_ndb_struct_na_base_pair.pair_name 
_ndb_struct_na_base_pair.i_auth_asym_id 
_ndb_struct_na_base_pair.i_auth_seq_id 
_ndb_struct_na_base_pair.i_PDB_ins_code 
_ndb_struct_na_base_pair.j_auth_asym_id 
_ndb_struct_na_base_pair.j_auth_seq_id 
_ndb_struct_na_base_pair.j_PDB_ins_code 
_ndb_struct_na_base_pair.hbond_type_28 
_ndb_struct_na_base_pair.hbond_type_12 
1 A G 1 1_555 B C 8 1_555 -0.240 0.023  -0.546 -23.280 -29.530 3.603  1 A_G1:C8_B A 1 ? B 8 ? 19 1 
1 A C 2 1_555 B G 7 1_555 0.359  -0.210 0.406  15.650  -39.027 -6.304 2 A_C2:G7_B A 2 ? B 7 ? 19 1 
1 A C 3 1_555 B G 6 1_555 0.880  -0.276 -0.198 15.018  -8.216  2.153  3 A_C3:G6_B A 3 ? B 6 ? 19 1 
1 A G 4 1_555 B C 5 1_555 -1.083 -0.463 0.560  7.428   -13.834 0.727  4 A_G4:C5_B A 4 ? B 5 ? 19 1 
1 A C 5 1_555 B G 4 1_555 1.049  -0.424 0.501  -3.789  -13.446 1.215  5 A_C5:G4_B A 5 ? B 4 ? 19 1 
1 A G 6 1_555 B C 3 1_555 -0.958 -0.413 0.166  -13.600 -12.364 -1.714 6 A_G6:C3_B A 6 ? B 3 ? 19 1 
1 A G 7 1_555 B C 2 1_555 -0.206 -0.074 -0.102 -15.672 -30.999 -1.036 7 A_G7:C2_B A 7 ? B 2 ? 19 1 
1 A C 8 1_555 B G 1 1_555 0.152  -0.029 -0.262 12.867  -26.131 1.480  8 A_C8:G1_B A 8 ? B 1 ? 19 1 
# 
loop_
_ndb_struct_na_base_pair_step.model_number 
_ndb_struct_na_base_pair_step.i_label_asym_id_1 
_ndb_struct_na_base_pair_step.i_label_comp_id_1 
_ndb_struct_na_base_pair_step.i_label_seq_id_1 
_ndb_struct_na_base_pair_step.i_symmetry_1 
_ndb_struct_na_base_pair_step.j_label_asym_id_1 
_ndb_struct_na_base_pair_step.j_label_comp_id_1 
_ndb_struct_na_base_pair_step.j_label_seq_id_1 
_ndb_struct_na_base_pair_step.j_symmetry_1 
_ndb_struct_na_base_pair_step.i_label_asym_id_2 
_ndb_struct_na_base_pair_step.i_label_comp_id_2 
_ndb_struct_na_base_pair_step.i_label_seq_id_2 
_ndb_struct_na_base_pair_step.i_symmetry_2 
_ndb_struct_na_base_pair_step.j_label_asym_id_2 
_ndb_struct_na_base_pair_step.j_label_comp_id_2 
_ndb_struct_na_base_pair_step.j_label_seq_id_2 
_ndb_struct_na_base_pair_step.j_symmetry_2 
_ndb_struct_na_base_pair_step.shift 
_ndb_struct_na_base_pair_step.slide 
_ndb_struct_na_base_pair_step.rise 
_ndb_struct_na_base_pair_step.tilt 
_ndb_struct_na_base_pair_step.roll 
_ndb_struct_na_base_pair_step.twist 
_ndb_struct_na_base_pair_step.x_displacement 
_ndb_struct_na_base_pair_step.y_displacement 
_ndb_struct_na_base_pair_step.helical_rise 
_ndb_struct_na_base_pair_step.inclination 
_ndb_struct_na_base_pair_step.tip 
_ndb_struct_na_base_pair_step.helical_twist 
_ndb_struct_na_base_pair_step.step_number 
_ndb_struct_na_base_pair_step.step_name 
_ndb_struct_na_base_pair_step.i_auth_asym_id_1 
_ndb_struct_na_base_pair_step.i_auth_seq_id_1 
_ndb_struct_na_base_pair_step.i_PDB_ins_code_1 
_ndb_struct_na_base_pair_step.j_auth_asym_id_1 
_ndb_struct_na_base_pair_step.j_auth_seq_id_1 
_ndb_struct_na_base_pair_step.j_PDB_ins_code_1 
_ndb_struct_na_base_pair_step.i_auth_asym_id_2 
_ndb_struct_na_base_pair_step.i_auth_seq_id_2 
_ndb_struct_na_base_pair_step.i_PDB_ins_code_2 
_ndb_struct_na_base_pair_step.j_auth_asym_id_2 
_ndb_struct_na_base_pair_step.j_auth_seq_id_2 
_ndb_struct_na_base_pair_step.j_PDB_ins_code_2 
1 A G 1 1_555 B C 8 1_555 A C 2 1_555 B G 7 1_555 3.746  -0.499 -1.209 13.000  162.562 -36.680 0.761  1.851  -0.195 -87.043 6.961 
-163.946 1 AA_G1C2:G7C8_BB A 1 ? B 8 ? A 2 ? B 7 ? 
1 A C 2 1_555 B G 7 1_555 A C 3 1_555 B G 6 1_555 0.421  -1.821 4.093  -13.222 0.061   37.792  -2.674 -2.493 3.743  0.091   19.691 
39.958   2 AA_C2C3:G6G7_BB A 2 ? B 7 ? A 3 ? B 6 ? 
1 A C 3 1_555 B G 6 1_555 A G 4 1_555 B C 5 1_555 -0.083 -1.167 6.681  -7.874  -11.950 20.278  5.069  -4.936 6.065  -29.639 19.528 
24.776   3 AA_C3G4:C5G6_BB A 3 ? B 6 ? A 4 ? B 5 ? 
1 A G 4 1_555 B C 5 1_555 A C 5 1_555 B G 4 1_555 0.069  -0.188 3.397  0.222   -0.565  49.800  -0.180 -0.065 3.399  -0.671  -0.263 
49.803   4 AA_G4C5:G4C5_BB A 4 ? B 5 ? A 5 ? B 4 ? 
1 A C 5 1_555 B G 4 1_555 A G 6 1_555 B C 3 1_555 -0.135 -1.180 6.619  3.496   -6.875  21.724  2.057  2.887  6.574  -17.545 -8.922 
23.037   5 AA_C5G6:C3G4_BB A 5 ? B 4 ? A 6 ? B 3 ? 
1 A G 6 1_555 B C 3 1_555 A G 7 1_555 B C 2 1_555 0.164  -1.822 3.686  14.100  12.693  39.303  -3.763 1.227  2.887  17.677  
-19.636 43.478   6 AA_G6G7:C2C3_BB A 6 ? B 3 ? A 7 ? B 2 ? 
1 A G 7 1_555 B C 2 1_555 A C 8 1_555 B G 1 1_555 -3.411 -0.634 -1.268 -10.038 164.474 -49.960 0.773  -1.690 -0.154 -86.610 -5.286 
-166.211 7 AA_G7C8:G1C2_BB A 7 ? B 2 ? A 8 ? B 1 ? 
# 
loop_
_pdbx_nmr_spectrometer.field_strength 
_pdbx_nmr_spectrometer.manufacturer 
_pdbx_nmr_spectrometer.model 
_pdbx_nmr_spectrometer.spectrometer_id 
_pdbx_nmr_spectrometer.type 
600 Bruker DRX 1 'Bruker DRX' 
500 Bruker DRX 2 'Bruker DRX' 
# 
_atom_sites.entry_id                    2KD4 
_atom_sites.fract_transf_matrix[1][1]   1.000000 
_atom_sites.fract_transf_matrix[1][2]   0.000000 
_atom_sites.fract_transf_matrix[1][3]   0.000000 
_atom_sites.fract_transf_matrix[2][1]   0.000000 
_atom_sites.fract_transf_matrix[2][2]   1.000000 
_atom_sites.fract_transf_matrix[2][3]   0.000000 
_atom_sites.fract_transf_matrix[3][1]   0.000000 
_atom_sites.fract_transf_matrix[3][2]   0.000000 
_atom_sites.fract_transf_matrix[3][3]   1.000000 
_atom_sites.fract_transf_vector[1]      0.00000 
_atom_sites.fract_transf_vector[2]      0.00000 
_atom_sites.fract_transf_vector[3]      0.00000 
# 
loop_
_atom_type.symbol 
C 
H 
N 
O 
P 
# 
loop_
_atom_site.group_PDB 
_atom_site.id 
_atom_site.type_symbol 
_atom_site.label_atom_id 
_atom_site.label_alt_id 
_atom_site.label_comp_id 
_atom_site.label_asym_id 
_atom_site.label_entity_id 
_atom_site.label_seq_id 
_atom_site.pdbx_PDB_ins_code 
_atom_site.Cartn_x 
_atom_site.Cartn_y 
_atom_site.Cartn_z 
_atom_site.occupancy 
_atom_site.B_iso_or_equiv 
_atom_site.pdbx_formal_charge 
_atom_site.auth_seq_id 
_atom_site.auth_comp_id 
_atom_site.auth_asym_id 
_atom_site.auth_atom_id 
_atom_site.pdbx_PDB_model_num 
ATOM   1   O "O5'"  . G   A 1 1 ? 12.087  12.980  2.550  1.00 0.00 ? 1  G   A "O5'"  1 
ATOM   2   C "C5'"  . G   A 1 1 ? 11.065  12.289  1.839  1.00 0.00 ? 1  G   A "C5'"  1 
ATOM   3   C "C4'"  . G   A 1 1 ? 10.604  13.056  0.606  1.00 0.00 ? 1  G   A "C4'"  1 
ATOM   4   O "O4'"  . G   A 1 1 ? 11.360  12.837  -0.551 1.00 0.00 ? 1  G   A "O4'"  1 
ATOM   5   C "C3'"  . G   A 1 1 ? 9.123   13.144  0.345  1.00 0.00 ? 1  G   A "C3'"  1 
ATOM   6   O "O3'"  . G   A 1 1 ? 8.620   14.455  0.658  1.00 0.00 ? 1  G   A "O3'"  1 
ATOM   7   C "C2'"  . G   A 1 1 ? 9.034   12.656  -1.088 1.00 0.00 ? 1  G   A "C2'"  1 
ATOM   8   O "O2'"  . G   A 1 1 ? 8.233   13.550  -1.843 1.00 0.00 ? 1  G   A "O2'"  1 
ATOM   9   C "C1'"  . G   A 1 1 ? 10.450  12.709  -1.612 1.00 0.00 ? 1  G   A "C1'"  1 
ATOM   10  N N9     . G   A 1 1 ? 10.883  11.511  -2.354 1.00 0.00 ? 1  G   A N9     1 
ATOM   11  C C8     . G   A 1 1 ? 10.781  11.472  -3.686 1.00 0.00 ? 1  G   A C8     1 
ATOM   12  N N7     . G   A 1 1 ? 11.373  10.473  -4.282 1.00 0.00 ? 1  G   A N7     1 
ATOM   13  C C5     . G   A 1 1 ? 11.984  9.795   -3.207 1.00 0.00 ? 1  G   A C5     1 
ATOM   14  C C6     . G   A 1 1 ? 12.849  8.634   -3.168 1.00 0.00 ? 1  G   A C6     1 
ATOM   15  O O6     . G   A 1 1 ? 13.220  7.887   -4.077 1.00 0.00 ? 1  G   A O6     1 
ATOM   16  N N1     . G   A 1 1 ? 13.331  8.356   -1.906 1.00 0.00 ? 1  G   A N1     1 
ATOM   17  C C2     . G   A 1 1 ? 13.019  9.074   -0.799 1.00 0.00 ? 1  G   A C2     1 
ATOM   18  N N2     . G   A 1 1 ? 13.674  8.796   0.302  1.00 0.00 ? 1  G   A N2     1 
ATOM   19  N N3     . G   A 1 1 ? 12.191  10.113  -0.777 1.00 0.00 ? 1  G   A N3     1 
ATOM   20  C C4     . G   A 1 1 ? 11.700  10.443  -2.015 1.00 0.00 ? 1  G   A C4     1 
ATOM   21  H "H5'"  . G   A 1 1 ? 10.213  12.120  2.500  1.00 0.00 ? 1  G   A "H5'"  1 
ATOM   22  H "H5''" . G   A 1 1 ? 11.442  11.346  1.484  1.00 0.00 ? 1  G   A "H5''" 1 
ATOM   23  H "H4'"  . G   A 1 1 ? 10.812  14.061  0.740  1.00 0.00 ? 1  G   A "H4'"  1 
ATOM   24  H "H3'"  . G   A 1 1 ? 8.628   12.373  0.907  1.00 0.00 ? 1  G   A "H3'"  1 
ATOM   25  H "HO3'" . G   A 1 1 ? 8.589   14.560  1.628  1.00 0.00 ? 1  G   A "HO3'" 1 
ATOM   26  H "H2'"  . G   A 1 1 ? 8.697   11.653  -1.138 1.00 0.00 ? 1  G   A "H2'"  1 
ATOM   27  H "H1'"  . G   A 1 1 ? 10.395  13.513  -2.331 1.00 0.00 ? 1  G   A "H1'"  1 
ATOM   28  H H8     . G   A 1 1 ? 10.212  12.275  -4.110 1.00 0.00 ? 1  G   A H8     1 
ATOM   29  H H1     . G   A 1 1 ? 13.974  7.586   -1.813 1.00 0.00 ? 1  G   A H1     1 
ATOM   30  H H21    . G   A 1 1 ? 14.376  8.063   0.317  1.00 0.00 ? 1  G   A H21    1 
ATOM   31  H H22    . G   A 1 1 ? 13.464  9.335   1.129  1.00 0.00 ? 1  G   A H22    1 
ATOM   32  H "HO5'" . G   A 1 1 ? 12.346  12.453  3.338  1.00 0.00 ? 1  G   A "HO5'" 1 
ATOM   33  P P      . C   A 1 2 ? 6.637   13.636  -1.660 1.00 0.00 ? 2  C   A P      1 
ATOM   34  O OP1    . C   A 1 2 ? 6.184   12.877  -0.470 1.00 0.00 ? 2  C   A OP1    1 
ATOM   35  O OP2    . C   A 1 2 ? 6.188   15.032  -1.874 1.00 0.00 ? 2  C   A OP2    1 
ATOM   36  O "O5'"  . C   A 1 2 ? 6.252   12.784  -2.933 1.00 0.00 ? 2  C   A "O5'"  1 
ATOM   37  C "C5'"  . C   A 1 2 ? 6.660   13.205  -4.215 1.00 0.00 ? 2  C   A "C5'"  1 
ATOM   38  C "C4'"  . C   A 1 2 ? 6.995   12.077  -5.166 1.00 0.00 ? 2  C   A "C4'"  1 
ATOM   39  O "O4'"  . C   A 1 2 ? 8.151   11.412  -4.739 1.00 0.00 ? 2  C   A "O4'"  1 
ATOM   40  C "C3'"  . C   A 1 2 ? 5.858   11.138  -5.500 1.00 0.00 ? 2  C   A "C3'"  1 
ATOM   41  O "O3'"  . C   A 1 2 ? 5.072   11.602  -6.599 1.00 0.00 ? 2  C   A "O3'"  1 
ATOM   42  C "C2'"  . C   A 1 2 ? 6.706   9.894   -5.764 1.00 0.00 ? 2  C   A "C2'"  1 
ATOM   43  O "O2'"  . C   A 1 2 ? 7.125   9.724   -7.116 1.00 0.00 ? 2  C   A "O2'"  1 
ATOM   44  C "C1'"  . C   A 1 2 ? 7.999   10.033  -4.951 1.00 0.00 ? 2  C   A "C1'"  1 
ATOM   45  N N1     . C   A 1 2 ? 8.052   9.482   -3.580 1.00 0.00 ? 2  C   A N1     1 
ATOM   46  C C2     . C   A 1 2 ? 8.930   8.459   -3.203 1.00 0.00 ? 2  C   A C2     1 
ATOM   47  O O2     . C   A 1 2 ? 9.585   7.810   -4.020 1.00 0.00 ? 2  C   A O2     1 
ATOM   48  N N3     . C   A 1 2 ? 9.028   8.112   -1.896 1.00 0.00 ? 2  C   A N3     1 
ATOM   49  C C4     . C   A 1 2 ? 8.279   8.739   -1.007 1.00 0.00 ? 2  C   A C4     1 
ATOM   50  N N4     . C   A 1 2 ? 8.541   8.504   0.250  1.00 0.00 ? 2  C   A N4     1 
ATOM   51  C C5     . C   A 1 2 ? 7.258   9.646   -1.385 1.00 0.00 ? 2  C   A C5     1 
ATOM   52  C C6     . C   A 1 2 ? 7.164   9.953   -2.678 1.00 0.00 ? 2  C   A C6     1 
ATOM   53  H "H5'"  . C   A 1 2 ? 7.540   13.836  -4.168 1.00 0.00 ? 2  C   A "H5'"  1 
ATOM   54  H "H5''" . C   A 1 2 ? 5.842   13.741  -4.618 1.00 0.00 ? 2  C   A "H5''" 1 
ATOM   55  H "H4'"  . C   A 1 2 ? 7.290   12.456  -6.106 1.00 0.00 ? 2  C   A "H4'"  1 
ATOM   56  H "H3'"  . C   A 1 2 ? 5.217   10.962  -4.630 1.00 0.00 ? 2  C   A "H3'"  1 
ATOM   57  H "HO3'" . C   A 1 2 ? 4.703   10.815  -7.051 1.00 0.00 ? 2  C   A "HO3'" 1 
ATOM   58  H "H2'"  . C   A 1 2 ? 6.141   9.094   -5.365 1.00 0.00 ? 2  C   A "H2'"  1 
ATOM   59  H "H1'"  . C   A 1 2 ? 8.865   9.715   -5.502 1.00 0.00 ? 2  C   A "H1'"  1 
ATOM   60  H H41    . C   A 1 2 ? 9.338   7.917   0.459  1.00 0.00 ? 2  C   A H41    1 
ATOM   61  H H42    . C   A 1 2 ? 7.991   8.935   0.969  1.00 0.00 ? 2  C   A H42    1 
ATOM   62  H H5     . C   A 1 2 ? 6.629   10.249  -0.768 1.00 0.00 ? 2  C   A H5     1 
ATOM   63  H H6     . C   A 1 2 ? 6.370   10.585  -3.004 1.00 0.00 ? 2  C   A H6     1 
ATOM   64  P P      . C   A 1 3 ? 6.275   8.893   -8.180 1.00 0.00 ? 3  C   A P      1 
ATOM   65  O OP1    . C   A 1 3 ? 4.842   9.090   -7.871 1.00 0.00 ? 3  C   A OP1    1 
ATOM   66  O OP2    . C   A 1 3 ? 6.779   9.245   -9.529 1.00 0.00 ? 3  C   A OP2    1 
ATOM   67  O "O5'"  . C   A 1 3 ? 6.628   7.348   -7.907 1.00 0.00 ? 3  C   A "O5'"  1 
ATOM   68  C "C5'"  . C   A 1 3 ? 7.532   6.940   -6.889 1.00 0.00 ? 3  C   A "C5'"  1 
ATOM   69  C "C4'"  . C   A 1 3 ? 7.648   5.432   -6.769 1.00 0.00 ? 3  C   A "C4'"  1 
ATOM   70  O "O4'"  . C   A 1 3 ? 8.133   5.021   -5.503 1.00 0.00 ? 3  C   A "O4'"  1 
ATOM   71  C "C3'"  . C   A 1 3 ? 6.366   4.669   -7.028 1.00 0.00 ? 3  C   A "C3'"  1 
ATOM   72  O "O3'"  . C   A 1 3 ? 6.581   3.544   -7.883 1.00 0.00 ? 3  C   A "O3'"  1 
ATOM   73  C "C2'"  . C   A 1 3 ? 5.802   4.404   -5.680 1.00 0.00 ? 3  C   A "C2'"  1 
ATOM   74  O "O2'"  . C   A 1 3 ? 4.919   3.289   -5.594 1.00 0.00 ? 3  C   A "O2'"  1 
ATOM   75  C "C1'"  . C   A 1 3 ? 7.070   4.358   -4.842 1.00 0.00 ? 3  C   A "C1'"  1 
ATOM   76  N N1     . C   A 1 3 ? 6.849   4.932   -3.517 1.00 0.00 ? 3  C   A N1     1 
ATOM   77  C C2     . C   A 1 3 ? 7.255   4.322   -2.339 1.00 0.00 ? 3  C   A C2     1 
ATOM   78  O O2     . C   A 1 3 ? 7.860   3.251   -2.351 1.00 0.00 ? 3  C   A O2     1 
ATOM   79  N N3     . C   A 1 3 ? 6.974   4.905   -1.144 1.00 0.00 ? 3  C   A N3     1 
ATOM   80  C C4     . C   A 1 3 ? 6.282   6.036   -1.134 1.00 0.00 ? 3  C   A C4     1 
ATOM   81  N N4     . C   A 1 3 ? 5.937   6.493   0.036  1.00 0.00 ? 3  C   A N4     1 
ATOM   82  C C5     . C   A 1 3 ? 5.914   6.699   -2.338 1.00 0.00 ? 3  C   A C5     1 
ATOM   83  C C6     . C   A 1 3 ? 6.238   6.126   -3.474 1.00 0.00 ? 3  C   A C6     1 
ATOM   84  H "H5'"  . C   A 1 3 ? 7.150   7.241   -5.942 1.00 0.00 ? 3  C   A "H5'"  1 
ATOM   85  H "H5''" . C   A 1 3 ? 8.516   7.383   -7.049 1.00 0.00 ? 3  C   A "H5''" 1 
ATOM   86  H "H4'"  . C   A 1 3 ? 8.322   5.139   -7.514 1.00 0.00 ? 3  C   A "H4'"  1 
ATOM   87  H "H3'"  . C   A 1 3 ? 5.609   5.343   -7.322 1.00 0.00 ? 3  C   A "H3'"  1 
ATOM   88  H "HO3'" . C   A 1 3 ? 6.638   3.866   -8.806 1.00 0.00 ? 3  C   A "HO3'" 1 
ATOM   89  H "H2'"  . C   A 1 3 ? 5.272   5.322   -5.452 1.00 0.00 ? 3  C   A "H2'"  1 
ATOM   90  H "H1'"  . C   A 1 3 ? 7.236   3.332   -4.782 1.00 0.00 ? 3  C   A "H1'"  1 
ATOM   91  H H41    . C   A 1 3 ? 6.238   5.951   0.839  1.00 0.00 ? 3  C   A H41    1 
ATOM   92  H H42    . C   A 1 3 ? 5.410   7.345   0.115  1.00 0.00 ? 3  C   A H42    1 
ATOM   93  H H5     . C   A 1 3 ? 5.330   7.555   -2.553 1.00 0.00 ? 3  C   A H5     1 
ATOM   94  H H6     . C   A 1 3 ? 5.964   6.639   -4.357 1.00 0.00 ? 3  C   A H6     1 
ATOM   95  P P      . G   A 1 4 ? 3.489   3.268   -6.367 1.00 0.00 ? 4  G   A P      1 
ATOM   96  O OP1    . G   A 1 4 ? 2.473   3.537   -5.331 1.00 0.00 ? 4  G   A OP1    1 
ATOM   97  O OP2    . G   A 1 4 ? 3.522   4.144   -7.561 1.00 0.00 ? 4  G   A OP2    1 
ATOM   98  O "O5'"  . G   A 1 4 ? 3.264   1.769   -6.879 1.00 0.00 ? 4  G   A "O5'"  1 
ATOM   99  C "C5'"  . G   A 1 4 ? 4.345   0.959   -7.320 1.00 0.00 ? 4  G   A "C5'"  1 
ATOM   100 C "C4'"  . G   A 1 4 ? 4.485   -0.241  -6.373 1.00 0.00 ? 4  G   A "C4'"  1 
ATOM   101 O "O4'"  . G   A 1 4 ? 4.653   0.153   -5.031 1.00 0.00 ? 4  G   A "O4'"  1 
ATOM   102 C "C3'"  . G   A 1 4 ? 3.311   -1.206  -6.368 1.00 0.00 ? 4  G   A "C3'"  1 
ATOM   103 O "O3'"  . G   A 1 4 ? 3.044   -1.847  -7.610 1.00 0.00 ? 4  G   A "O3'"  1 
ATOM   104 C "C2'"  . G   A 1 4 ? 3.752   -2.062  -5.183 1.00 0.00 ? 4  G   A "C2'"  1 
ATOM   105 O "O2'"  . G   A 1 4 ? 4.917   -2.840  -5.467 1.00 0.00 ? 4  G   A "O2'"  1 
ATOM   106 C "C1'"  . G   A 1 4 ? 4.168   -0.927  -4.249 1.00 0.00 ? 4  G   A "C1'"  1 
ATOM   107 N N9     . G   A 1 4 ? 3.014   -0.343  -3.514 1.00 0.00 ? 4  G   A N9     1 
ATOM   108 C C8     . G   A 1 4 ? 2.161   0.676   -3.889 1.00 0.00 ? 4  G   A C8     1 
ATOM   109 N N7     . G   A 1 4 ? 1.465   1.193   -2.916 1.00 0.00 ? 4  G   A N7     1 
ATOM   110 C C5     . G   A 1 4 ? 1.844   0.425   -1.818 1.00 0.00 ? 4  G   A C5     1 
ATOM   111 C C6     . G   A 1 4 ? 1.505   0.531   -0.429 1.00 0.00 ? 4  G   A C6     1 
ATOM   112 O O6     . G   A 1 4 ? 0.846   1.409   0.128  1.00 0.00 ? 4  G   A O6     1 
ATOM   113 N N1     . G   A 1 4 ? 2.049   -0.485  0.332  1.00 0.00 ? 4  G   A N1     1 
ATOM   114 C C2     . G   A 1 4 ? 2.917   -1.412  -0.145 1.00 0.00 ? 4  G   A C2     1 
ATOM   115 N N2     . G   A 1 4 ? 3.397   -2.287  0.693  1.00 0.00 ? 4  G   A N2     1 
ATOM   116 N N3     . G   A 1 4 ? 3.333   -1.487  -1.402 1.00 0.00 ? 4  G   A N3     1 
ATOM   117 C C4     . G   A 1 4 ? 2.735   -0.557  -2.196 1.00 0.00 ? 4  G   A C4     1 
ATOM   118 H "H5'"  . G   A 1 4 ? 5.280   1.513   -7.326 1.00 0.00 ? 4  G   A "H5'"  1 
ATOM   119 H "H5''" . G   A 1 4 ? 4.134   0.597   -8.332 1.00 0.00 ? 4  G   A "H5''" 1 
ATOM   120 H "H4'"  . G   A 1 4 ? 5.346   -0.845  -6.602 1.00 0.00 ? 4  G   A "H4'"  1 
ATOM   121 H "H3'"  . G   A 1 4 ? 2.437   -0.677  -6.029 1.00 0.00 ? 4  G   A "H3'"  1 
ATOM   122 H "HO3'" . G   A 1 4 ? 3.358   -2.785  -7.551 1.00 0.00 ? 4  G   A "HO3'" 1 
ATOM   123 H "H2'"  . G   A 1 4 ? 2.983   -2.644  -4.703 1.00 0.00 ? 4  G   A "H2'"  1 
ATOM   124 H "H1'"  . G   A 1 4 ? 4.877   -1.319  -3.549 1.00 0.00 ? 4  G   A "H1'"  1 
ATOM   125 H H8     . G   A 1 4 ? 2.126   1.075   -4.893 1.00 0.00 ? 4  G   A H8     1 
ATOM   126 H H1     . G   A 1 4 ? 1.822   -0.494  1.318  1.00 0.00 ? 4  G   A H1     1 
ATOM   127 H H21    . G   A 1 4 ? 4.025   -2.989  0.341  1.00 0.00 ? 4  G   A H21    1 
ATOM   128 H H22    . G   A 1 4 ? 3.066   -2.273  1.647  1.00 0.00 ? 4  G   A H22    1 
ATOM   129 P P      . C   A 1 5 ? 4.845   -4.293  -6.132 1.00 0.00 ? 5  C   A P      1 
ATOM   130 O OP1    . C   A 1 5 ? 3.880   -4.288  -7.258 1.00 0.00 ? 5  C   A OP1    1 
ATOM   131 O OP2    . C   A 1 5 ? 6.223   -4.800  -6.348 1.00 0.00 ? 5  C   A OP2    1 
ATOM   132 O "O5'"  . C   A 1 5 ? 4.185   -5.055  -4.912 1.00 0.00 ? 5  C   A "O5'"  1 
ATOM   133 C "C5'"  . C   A 1 5 ? 4.937   -5.318  -3.742 1.00 0.00 ? 5  C   A "C5'"  1 
ATOM   134 C "C4'"  . C   A 1 5 ? 4.049   -5.688  -2.567 1.00 0.00 ? 5  C   A "C4'"  1 
ATOM   135 O "O4'"  . C   A 1 5 ? 3.342   -4.578  -2.054 1.00 0.00 ? 5  C   A "O4'"  1 
ATOM   136 C "C3'"  . C   A 1 5 ? 3.041   -6.751  -2.988 1.00 0.00 ? 5  C   A "C3'"  1 
ATOM   137 O "O3'"  . C   A 1 5 ? 3.332   -7.961  -2.291 1.00 0.00 ? 5  C   A "O3'"  1 
ATOM   138 C "C2'"  . C   A 1 5 ? 1.659   -6.133  -2.738 1.00 0.00 ? 5  C   A "C2'"  1 
ATOM   139 O "O2'"  . C   A 1 5 ? 0.777   -7.067  -2.137 1.00 0.00 ? 5  C   A "O2'"  1 
ATOM   140 C "C1'"  . C   A 1 5 ? 1.992   -4.953  -1.843 1.00 0.00 ? 5  C   A "C1'"  1 
ATOM   141 N N1     . C   A 1 5 ? 1.140   -3.799  -2.159 1.00 0.00 ? 5  C   A N1     1 
ATOM   142 C C2     . C   A 1 5 ? 0.407   -3.208  -1.133 1.00 0.00 ? 5  C   A C2     1 
ATOM   143 O O2     . C   A 1 5 ? 0.448   -3.625  0.018  1.00 0.00 ? 5  C   A O2     1 
ATOM   144 N N3     . C   A 1 5 ? -0.377  -2.145  -1.383 1.00 0.00 ? 5  C   A N3     1 
ATOM   145 C C4     . C   A 1 5 ? -0.452  -1.687  -2.609 1.00 0.00 ? 5  C   A C4     1 
ATOM   146 N N4     . C   A 1 5 ? -1.211  -0.645  -2.763 1.00 0.00 ? 5  C   A N4     1 
ATOM   147 C C5     . C   A 1 5 ? 0.261   -2.269  -3.687 1.00 0.00 ? 5  C   A C5     1 
ATOM   148 C C6     . C   A 1 5 ? 1.057   -3.324  -3.433 1.00 0.00 ? 5  C   A C6     1 
ATOM   149 H "H5'"  . C   A 1 5 ? 5.494   -4.442  -3.461 1.00 0.00 ? 5  C   A "H5'"  1 
ATOM   150 H "H5''" . C   A 1 5 ? 5.643   -6.127  -3.931 1.00 0.00 ? 5  C   A "H5''" 1 
ATOM   151 H "H4'"  . C   A 1 5 ? 4.695   -6.069  -1.779 1.00 0.00 ? 5  C   A "H4'"  1 
ATOM   152 H "H3'"  . C   A 1 5 ? 3.101   -6.886  -4.059 1.00 0.00 ? 5  C   A "H3'"  1 
ATOM   153 H "HO3'" . C   A 1 5 ? 2.631   -8.602  -2.546 1.00 0.00 ? 5  C   A "HO3'" 1 
ATOM   154 H "H2'"  . C   A 1 5 ? 1.215   -5.687  -3.637 1.00 0.00 ? 5  C   A "H2'"  1 
ATOM   155 H "H1'"  . C   A 1 5 ? 1.816   -5.220  -0.824 1.00 0.00 ? 5  C   A "H1'"  1 
ATOM   156 H H41    . C   A 1 5 ? -1.580  -0.239  -1.911 1.00 0.00 ? 5  C   A H41    1 
ATOM   157 H H42    . C   A 1 5 ? -1.247  -0.178  -3.654 1.00 0.00 ? 5  C   A H42    1 
ATOM   158 H H5     . C   A 1 5 ? 0.212   -1.923  -4.683 1.00 0.00 ? 5  C   A H5     1 
ATOM   159 H H6     . C   A 1 5 ? 1.643   -3.796  -4.230 1.00 0.00 ? 5  C   A H6     1 
ATOM   160 P P      . G   A 1 6 ? 0.121   -8.252  -3.010 1.00 0.00 ? 6  G   A P      1 
ATOM   161 O OP1    . G   A 1 6 ? -0.527  -7.613  -4.179 1.00 0.00 ? 6  G   A OP1    1 
ATOM   162 O OP2    . G   A 1 6 ? 1.125   -9.316  -3.221 1.00 0.00 ? 6  G   A OP2    1 
ATOM   163 O "O5'"  . G   A 1 6 ? -1.052  -8.788  -2.061 1.00 0.00 ? 6  G   A "O5'"  1 
ATOM   164 C "C5'"  . G   A 1 6 ? -0.816  -9.624  -0.933 1.00 0.00 ? 6  G   A "C5'"  1 
ATOM   165 C "C4'"  . G   A 1 6 ? -2.158  -9.914  -0.236 1.00 0.00 ? 6  G   A "C4'"  1 
ATOM   166 O "O4'"  . G   A 1 6 ? -2.625  -8.792  0.497  1.00 0.00 ? 6  G   A "O4'"  1 
ATOM   167 C "C3'"  . G   A 1 6 ? -3.227  -10.407 -1.194 1.00 0.00 ? 6  G   A "C3'"  1 
ATOM   168 O "O3'"  . G   A 1 6 ? -3.156  -11.808 -1.457 1.00 0.00 ? 6  G   A "O3'"  1 
ATOM   169 C "C2'"  . G   A 1 6 ? -4.463  -9.999  -0.408 1.00 0.00 ? 6  G   A "C2'"  1 
ATOM   170 O "O2'"  . G   A 1 6 ? -5.003  -11.068 0.365  1.00 0.00 ? 6  G   A "O2'"  1 
ATOM   171 C "C1'"  . G   A 1 6 ? -4.041  -8.774  0.425  1.00 0.00 ? 6  G   A "C1'"  1 
ATOM   172 N N9     . G   A 1 6 ? -4.477  -7.542  -0.287 1.00 0.00 ? 6  G   A N9     1 
ATOM   173 C C8     . G   A 1 6 ? -4.372  -7.258  -1.624 1.00 0.00 ? 6  G   A C8     1 
ATOM   174 N N7     . G   A 1 6 ? -5.196  -6.354  -2.072 1.00 0.00 ? 6  G   A N7     1 
ATOM   175 C C5     . G   A 1 6 ? -5.815  -5.912  -0.908 1.00 0.00 ? 6  G   A C5     1 
ATOM   176 C C6     . G   A 1 6 ? -6.770  -4.865  -0.705 1.00 0.00 ? 6  G   A C6     1 
ATOM   177 O O6     . G   A 1 6 ? -7.324  -4.161  -1.555 1.00 0.00 ? 6  G   A O6     1 
ATOM   178 N N1     . G   A 1 6 ? -7.040  -4.628  0.625  1.00 0.00 ? 6  G   A N1     1 
ATOM   179 C C2     . G   A 1 6 ? -6.435  -5.278  1.649  1.00 0.00 ? 6  G   A C2     1 
ATOM   180 N N2     . G   A 1 6 ? -6.689  -4.853  2.856  1.00 0.00 ? 6  G   A N2     1 
ATOM   181 N N3     . G   A 1 6 ? -5.561  -6.270  1.510  1.00 0.00 ? 6  G   A N3     1 
ATOM   182 C C4     . G   A 1 6 ? -5.293  -6.548  0.197  1.00 0.00 ? 6  G   A C4     1 
ATOM   183 H "H5'"  . G   A 1 6 ? -0.133  -9.142  -0.227 1.00 0.00 ? 6  G   A "H5'"  1 
ATOM   184 H "H5''" . G   A 1 6 ? -0.371  -10.566 -1.263 1.00 0.00 ? 6  G   A "H5''" 1 
ATOM   185 H "H4'"  . G   A 1 6 ? -2.095  -10.720 0.475  1.00 0.00 ? 6  G   A "H4'"  1 
ATOM   186 H "H3'"  . G   A 1 6 ? -3.199  -9.854  -2.130 1.00 0.00 ? 6  G   A "H3'"  1 
ATOM   187 H "HO3'" . G   A 1 6 ? -3.576  -12.267 -0.703 1.00 0.00 ? 6  G   A "HO3'" 1 
ATOM   188 H "H2'"  . G   A 1 6 ? -5.160  -9.669  -1.131 1.00 0.00 ? 6  G   A "H2'"  1 
ATOM   189 H "H1'"  . G   A 1 6 ? -4.533  -8.815  1.418  1.00 0.00 ? 6  G   A "H1'"  1 
ATOM   190 H H8     . G   A 1 6 ? -3.625  -7.727  -2.229 1.00 0.00 ? 6  G   A H8     1 
ATOM   191 H H1     . G   A 1 6 ? -7.642  -3.850  0.841  1.00 0.00 ? 6  G   A H1     1 
ATOM   192 H H21    . G   A 1 6 ? -6.285  -5.345  3.631  1.00 0.00 ? 6  G   A H21    1 
ATOM   193 H H22    . G   A 1 6 ? -7.346  -4.087  2.987  1.00 0.00 ? 6  G   A H22    1 
ATOM   194 P P      . G   A 1 7 ? -6.559  -11.491 0.220  1.00 0.00 ? 7  G   A P      1 
ATOM   195 O OP1    . G   A 1 7 ? -6.914  -11.490 -1.217 1.00 0.00 ? 7  G   A OP1    1 
ATOM   196 O OP2    . G   A 1 7 ? -6.750  -12.735 1.001  1.00 0.00 ? 7  G   A OP2    1 
ATOM   197 O "O5'"  . G   A 1 7 ? -7.413  -10.330 0.946  1.00 0.00 ? 7  G   A "O5'"  1 
ATOM   198 C "C5'"  . G   A 1 7 ? -6.747  -9.327  1.696  1.00 0.00 ? 7  G   A "C5'"  1 
ATOM   199 C "C4'"  . G   A 1 7 ? -7.319  -8.610  2.918  1.00 0.00 ? 7  G   A "C4'"  1 
ATOM   200 O "O4'"  . G   A 1 7 ? -8.157  -7.530  2.618  1.00 0.00 ? 7  G   A "O4'"  1 
ATOM   201 C "C3'"  . G   A 1 7 ? -8.166  -9.632  3.598  1.00 0.00 ? 7  G   A "C3'"  1 
ATOM   202 O "O3'"  . G   A 1 7 ? -8.045  -9.612  5.017  1.00 0.00 ? 7  G   A "O3'"  1 
ATOM   203 C "C2'"  . G   A 1 7 ? -9.561  -9.457  3.003  1.00 0.00 ? 7  G   A "C2'"  1 
ATOM   204 O "O2'"  . G   A 1 7 ? -10.639 -9.701  3.897  1.00 0.00 ? 7  G   A "O2'"  1 
ATOM   205 C "C1'"  . G   A 1 7 ? -9.484  -7.995  2.654  1.00 0.00 ? 7  G   A "C1'"  1 
ATOM   206 N N9     . G   A 1 7 ? -9.992  -7.608  1.334  1.00 0.00 ? 7  G   A N9     1 
ATOM   207 C C8     . G   A 1 7 ? -9.713  -8.259  0.170  1.00 0.00 ? 7  G   A C8     1 
ATOM   208 N N7     . G   A 1 7 ? -9.962  -7.566  -0.910 1.00 0.00 ? 7  G   A N7     1 
ATOM   209 C C5     . G   A 1 7 ? -10.459 -6.353  -0.413 1.00 0.00 ? 7  G   A C5     1 
ATOM   210 C C6     . G   A 1 7 ? -10.898 -5.153  -1.086 1.00 0.00 ? 7  G   A C6     1 
ATOM   211 O O6     . G   A 1 7 ? -10.912 -4.893  -2.293 1.00 0.00 ? 7  G   A O6     1 
ATOM   212 N N1     . G   A 1 7 ? -11.356 -4.181  -0.221 1.00 0.00 ? 7  G   A N1     1 
ATOM   213 C C2     . G   A 1 7 ? -11.334 -4.297  1.128  1.00 0.00 ? 7  G   A C2     1 
ATOM   214 N N2     . G   A 1 7 ? -11.798 -3.273  1.801  1.00 0.00 ? 7  G   A N2     1 
ATOM   215 N N3     . G   A 1 7 ? -10.895 -5.367  1.790  1.00 0.00 ? 7  G   A N3     1 
ATOM   216 C C4     . G   A 1 7 ? -10.488 -6.375  0.966  1.00 0.00 ? 7  G   A C4     1 
ATOM   217 H "H5'"  . G   A 1 7 ? -6.522  -8.566  1.012  1.00 0.00 ? 7  G   A "H5'"  1 
ATOM   218 H "H5''" . G   A 1 7 ? -5.880  -9.814  2.136  1.00 0.00 ? 7  G   A "H5''" 1 
ATOM   219 H "H4'"  . G   A 1 7 ? -6.451  -8.304  3.501  1.00 0.00 ? 7  G   A "H4'"  1 
ATOM   220 H "H3'"  . G   A 1 7 ? -7.750  -10.475 3.125  1.00 0.00 ? 7  G   A "H3'"  1 
ATOM   221 H "HO3'" . G   A 1 7 ? -8.572  -10.358 5.366  1.00 0.00 ? 7  G   A "HO3'" 1 
ATOM   222 H "H2'"  . G   A 1 7 ? -9.660  -10.041 2.100  1.00 0.00 ? 7  G   A "H2'"  1 
ATOM   223 H "H1'"  . G   A 1 7 ? -10.015 -7.594  3.470  1.00 0.00 ? 7  G   A "H1'"  1 
ATOM   224 H H8     . G   A 1 7 ? -9.333  -9.286  0.198  1.00 0.00 ? 7  G   A H8     1 
ATOM   225 H H1     . G   A 1 7 ? -11.652 -3.306  -0.625 1.00 0.00 ? 7  G   A H1     1 
ATOM   226 H H21    . G   A 1 7 ? -11.774 -3.331  2.809  1.00 0.00 ? 7  G   A H21    1 
ATOM   227 H H22    . G   A 1 7 ? -12.219 -2.479  1.322  1.00 0.00 ? 7  G   A H22    1 
ATOM   228 P P      . C   A 1 8 ? -11.061 -11.187 4.295  1.00 0.00 ? 8  C   A P      1 
ATOM   229 O OP1    . C   A 1 8 ? -9.912  -11.877 4.928  1.00 0.00 ? 8  C   A OP1    1 
ATOM   230 O OP2    . C   A 1 8 ? -12.360 -11.124 5.009  1.00 0.00 ? 8  C   A OP2    1 
ATOM   231 O "O5'"  . C   A 1 8 ? -11.270 -11.769 2.813  1.00 0.00 ? 8  C   A "O5'"  1 
ATOM   232 C "C5'"  . C   A 1 8 ? -12.501 -12.267 2.337  1.00 0.00 ? 8  C   A "C5'"  1 
ATOM   233 C "C4'"  . C   A 1 8 ? -12.576 -12.163 0.801  1.00 0.00 ? 8  C   A "C4'"  1 
ATOM   234 O "O4'"  . C   A 1 8 ? -13.625 -11.378 0.292  1.00 0.00 ? 8  C   A "O4'"  1 
ATOM   235 C "C3'"  . C   A 1 8 ? -11.323 -12.026 -0.055 1.00 0.00 ? 8  C   A "C3'"  1 
ATOM   236 O "O3'"  . C   A 1 8 ? -11.137 -13.078 -1.005 1.00 0.00 ? 8  C   A "O3'"  1 
ATOM   237 C "C2'"  . C   A 1 8 ? -11.567 -10.693 -0.650 1.00 0.00 ? 8  C   A "C2'"  1 
ATOM   238 O "O2'"  . C   A 1 8 ? -10.975 -10.444 -1.923 1.00 0.00 ? 8  C   A "O2'"  1 
ATOM   239 C "C1'"  . C   A 1 8 ? -13.045 -10.458 -0.603 1.00 0.00 ? 8  C   A "C1'"  1 
ATOM   240 N N1     . C   A 1 8 ? -13.375 -9.150  -0.025 1.00 0.00 ? 8  C   A N1     1 
ATOM   241 C C2     . C   A 1 8 ? -13.905 -8.048  -0.698 1.00 0.00 ? 8  C   A C2     1 
ATOM   242 O O2     . C   A 1 8 ? -14.109 -8.051  -1.911 1.00 0.00 ? 8  C   A O2     1 
ATOM   243 N N3     . C   A 1 8 ? -14.186 -6.909  0.003  1.00 0.00 ? 8  C   A N3     1 
ATOM   244 C C4     . C   A 1 8 ? -13.963 -6.891  1.310  1.00 0.00 ? 8  C   A C4     1 
ATOM   245 N N4     . C   A 1 8 ? -14.325 -5.818  1.954  1.00 0.00 ? 8  C   A N4     1 
ATOM   246 C C5     . C   A 1 8 ? -13.359 -7.988  1.988  1.00 0.00 ? 8  C   A C5     1 
ATOM   247 C C6     . C   A 1 8 ? -13.073 -9.055  1.278  1.00 0.00 ? 8  C   A C6     1 
ATOM   248 H "H5'"  . C   A 1 8 ? -13.344 -11.723 2.765  1.00 0.00 ? 8  C   A "H5'"  1 
ATOM   249 H "H5''" . C   A 1 8 ? -12.594 -13.315 2.624  1.00 0.00 ? 8  C   A "H5''" 1 
ATOM   250 H "H4'"  . C   A 1 8 ? -12.872 -13.078 0.528  1.00 0.00 ? 8  C   A "H4'"  1 
ATOM   251 H "H3'"  . C   A 1 8 ? -10.488 -11.825 0.575  1.00 0.00 ? 8  C   A "H3'"  1 
ATOM   252 H "HO3'" . C   A 1 8 ? -10.505 -12.760 -1.684 1.00 0.00 ? 8  C   A "HO3'" 1 
ATOM   253 H "H2'"  . C   A 1 8 ? -11.182 -10.126 0.155  1.00 0.00 ? 8  C   A "H2'"  1 
ATOM   254 H "HO2'" . C   A 1 8 ? -10.007 -10.557 -1.868 1.00 0.00 ? 8  C   A "HO2'" 1 
ATOM   255 H "H1'"  . C   A 1 8 ? -13.373 -10.617 -1.567 1.00 0.00 ? 8  C   A "H1'"  1 
ATOM   256 H H41    . C   A 1 8 ? -14.757 -5.057  1.437  1.00 0.00 ? 8  C   A H41    1 
ATOM   257 H H42    . C   A 1 8 ? -14.179 -5.770  2.947  1.00 0.00 ? 8  C   A H42    1 
ATOM   258 H H5     . C   A 1 8 ? -13.103 -8.183  2.999  1.00 0.00 ? 8  C   A H5     1 
ATOM   259 H H6     . C   A 1 8 ? -12.574 -9.868  1.758  1.00 0.00 ? 8  C   A H6     1 
ATOM   260 O "O5'"  . G   B 1 1 ? -14.655 -3.778  -7.322 1.00 0.00 ? 1  G   B "O5'"  1 
ATOM   261 C "C5'"  . G   B 1 1 ? -13.752 -2.776  -6.859 1.00 0.00 ? 1  G   B "C5'"  1 
ATOM   262 C "C4'"  . G   B 1 1 ? -14.457 -1.472  -6.546 1.00 0.00 ? 1  G   B "C4'"  1 
ATOM   263 O "O4'"  . G   B 1 1 ? -15.419 -1.530  -5.537 1.00 0.00 ? 1  G   B "O4'"  1 
ATOM   264 C "C3'"  . G   B 1 1 ? -13.602 -0.228  -6.475 1.00 0.00 ? 1  G   B "C3'"  1 
ATOM   265 O "O3'"  . G   B 1 1 ? -13.756 0.588   -7.644 1.00 0.00 ? 1  G   B "O3'"  1 
ATOM   266 C "C2'"  . G   B 1 1 ? -13.969 0.329   -5.122 1.00 0.00 ? 1  G   B "C2'"  1 
ATOM   267 O "O2'"  . G   B 1 1 ? -14.278 1.709   -5.261 1.00 0.00 ? 1  G   B "O2'"  1 
ATOM   268 C "C1'"  . G   B 1 1 ? -15.231 -0.398  -4.732 1.00 0.00 ? 1  G   B "C1'"  1 
ATOM   269 N N9     . G   B 1 1 ? -15.233 -0.929  -3.361 1.00 0.00 ? 1  G   B N9     1 
ATOM   270 C C8     . G   B 1 1 ? -15.825 -0.250  -2.372 1.00 0.00 ? 1  G   B C8     1 
ATOM   271 N N7     . G   B 1 1 ? -15.964 -0.890  -1.242 1.00 0.00 ? 1  G   B N7     1 
ATOM   272 C C5     . G   B 1 1 ? -15.405 -2.151  -1.534 1.00 0.00 ? 1  G   B C5     1 
ATOM   273 C C6     . G   B 1 1 ? -15.265 -3.353  -0.742 1.00 0.00 ? 1  G   B C6     1 
ATOM   274 O O6     . G   B 1 1 ? -15.577 -3.565  0.435  1.00 0.00 ? 1  G   B O6     1 
ATOM   275 N N1     . G   B 1 1 ? -14.709 -4.411  -1.432 1.00 0.00 ? 1  G   B N1     1 
ATOM   276 C C2     . G   B 1 1 ? -14.302 -4.343  -2.721 1.00 0.00 ? 1  G   B C2     1 
ATOM   277 N N2     . G   B 1 1 ? -13.889 -5.452  -3.279 1.00 0.00 ? 1  G   B N2     1 
ATOM   278 N N3     . G   B 1 1 ? -14.372 -3.251  -3.478 1.00 0.00 ? 1  G   B N3     1 
ATOM   279 C C4     . G   B 1 1 ? -14.950 -2.184  -2.841 1.00 0.00 ? 1  G   B C4     1 
ATOM   280 H "H5'"  . G   B 1 1 ? -12.994 -2.577  -7.614 1.00 0.00 ? 1  G   B "H5'"  1 
ATOM   281 H "H5''" . G   B 1 1 ? -13.271 -3.074  -5.949 1.00 0.00 ? 1  G   B "H5''" 1 
ATOM   282 H "H4'"  . G   B 1 1 ? -15.050 -1.214  -7.348 1.00 0.00 ? 1  G   B "H4'"  1 
ATOM   283 H "H3'"  . G   B 1 1 ? -12.578 -0.534  -6.345 1.00 0.00 ? 1  G   B "H3'"  1 
ATOM   284 H "HO3'" . G   B 1 1 ? -13.106 1.314   -7.571 1.00 0.00 ? 1  G   B "HO3'" 1 
ATOM   285 H "H2'"  . G   B 1 1 ? -13.226 0.134   -4.401 1.00 0.00 ? 1  G   B "H2'"  1 
ATOM   286 H "H1'"  . G   B 1 1 ? -15.985 0.369   -4.760 1.00 0.00 ? 1  G   B "H1'"  1 
ATOM   287 H H8     . G   B 1 1 ? -16.114 0.750   -2.644 1.00 0.00 ? 1  G   B H8     1 
ATOM   288 H H1     . G   B 1 1 ? -14.621 -5.290  -0.944 1.00 0.00 ? 1  G   B H1     1 
ATOM   289 H H21    . G   B 1 1 ? -13.893 -6.325  -2.756 1.00 0.00 ? 1  G   B H21    1 
ATOM   290 H H22    . G   B 1 1 ? -13.586 -5.416  -4.239 1.00 0.00 ? 1  G   B H22    1 
ATOM   291 H "HO5'" . G   B 1 1 ? -15.339 -3.923  -6.636 1.00 0.00 ? 1  G   B "HO5'" 1 
ATOM   292 P P      . C   B 1 2 ? -13.150 2.840   -5.444 1.00 0.00 ? 2  C   B P      1 
ATOM   293 O OP1    . C   B 1 2 ? -11.878 2.225   -5.895 1.00 0.00 ? 2  C   B OP1    1 
ATOM   294 O OP2    . C   B 1 2 ? -13.723 3.986   -6.190 1.00 0.00 ? 2  C   B OP2    1 
ATOM   295 O "O5'"  . C   B 1 2 ? -13.013 3.234   -3.922 1.00 0.00 ? 2  C   B "O5'"  1 
ATOM   296 C "C5'"  . C   B 1 2 ? -14.118 3.782   -3.244 1.00 0.00 ? 2  C   B "C5'"  1 
ATOM   297 C "C4'"  . C   B 1 2 ? -14.181 3.452   -1.767 1.00 0.00 ? 2  C   B "C4'"  1 
ATOM   298 O "O4'"  . C   B 1 2 ? -14.433 2.089   -1.583 1.00 0.00 ? 2  C   B "O4'"  1 
ATOM   299 C "C3'"  . C   B 1 2 ? -13.041 3.959   -0.922 1.00 0.00 ? 2  C   B "C3'"  1 
ATOM   300 O "O3'"  . C   B 1 2 ? -13.266 5.296   -0.479 1.00 0.00 ? 2  C   B "O3'"  1 
ATOM   301 C "C2'"  . C   B 1 2 ? -13.078 2.874   0.157  1.00 0.00 ? 2  C   B "C2'"  1 
ATOM   302 O "O2'"  . C   B 1 2 ? -13.874 3.165   1.305  1.00 0.00 ? 2  C   B "O2'"  1 
ATOM   303 C "C1'"  . C   B 1 2 ? -13.684 1.620   -0.491 1.00 0.00 ? 2  C   B "C1'"  1 
ATOM   304 N N1     . C   B 1 2 ? -12.779 0.632   -1.117 1.00 0.00 ? 2  C   B N1     1 
ATOM   305 C C2     . C   B 1 2 ? -12.666 -0.686  -0.664 1.00 0.00 ? 2  C   B C2     1 
ATOM   306 O O2     . C   B 1 2 ? -13.153 -1.056  0.407  1.00 0.00 ? 2  C   B O2     1 
ATOM   307 N N3     . C   B 1 2 ? -11.928 -1.587  -1.368 1.00 0.00 ? 2  C   B N3     1 
ATOM   308 C C4     . C   B 1 2 ? -11.336 -1.181  -2.478 1.00 0.00 ? 2  C   B C4     1 
ATOM   309 N N4     . C   B 1 2 ? -10.795 -2.104  -3.222 1.00 0.00 ? 2  C   B N4     1 
ATOM   310 C C5     . C   B 1 2 ? -11.290 0.183   -2.862 1.00 0.00 ? 2  C   B C5     1 
ATOM   311 C C6     . C   B 1 2 ? -12.004 1.047   -2.138 1.00 0.00 ? 2  C   B C6     1 
ATOM   312 H "H5'"  . C   B 1 2 ? -15.047 3.443   -3.684 1.00 0.00 ? 2  C   B "H5'"  1 
ATOM   313 H "H5''" . C   B 1 2 ? -14.016 4.831   -3.337 1.00 0.00 ? 2  C   B "H5''" 1 
ATOM   314 H "H4'"  . C   B 1 2 ? -15.029 3.900   -1.317 1.00 0.00 ? 2  C   B "H4'"  1 
ATOM   315 H "H3'"  . C   B 1 2 ? -12.094 3.908   -1.458 1.00 0.00 ? 2  C   B "H3'"  1 
ATOM   316 H "HO3'" . C   B 1 2 ? -12.801 5.392   0.381  1.00 0.00 ? 2  C   B "HO3'" 1 
ATOM   317 H "H2'"  . C   B 1 2 ? -12.061 2.677   0.367  1.00 0.00 ? 2  C   B "H2'"  1 
ATOM   318 H "H1'"  . C   B 1 2 ? -14.401 1.117   0.135  1.00 0.00 ? 2  C   B "H1'"  1 
ATOM   319 H H41    . C   B 1 2 ? -10.849 -3.068  -2.916 1.00 0.00 ? 2  C   B H41    1 
ATOM   320 H H42    . C   B 1 2 ? -10.326 -1.854  -4.077 1.00 0.00 ? 2  C   B H42    1 
ATOM   321 H H5     . C   B 1 2 ? -10.882 0.620   -3.749 1.00 0.00 ? 2  C   B H5     1 
ATOM   322 H H6     . C   B 1 2 ? -11.947 2.090   -2.361 1.00 0.00 ? 2  C   B H6     1 
ATOM   323 P P      . C   B 1 3 ? -13.322 4.000   2.564  1.00 0.00 ? 3  C   B P      1 
ATOM   324 O OP1    . C   B 1 3 ? -12.344 5.002   2.073  1.00 0.00 ? 3  C   B OP1    1 
ATOM   325 O OP2    . C   B 1 3 ? -14.499 4.465   3.335  1.00 0.00 ? 3  C   B OP2    1 
ATOM   326 O "O5'"  . C   B 1 3 ? -12.515 2.972   3.492  1.00 0.00 ? 3  C   B "O5'"  1 
ATOM   327 C "C5'"  . C   B 1 3 ? -12.378 1.598   3.161  1.00 0.00 ? 3  C   B "C5'"  1 
ATOM   328 C "C4'"  . C   B 1 3 ? -11.455 0.878   4.127  1.00 0.00 ? 3  C   B "C4'"  1 
ATOM   329 O "O4'"  . C   B 1 3 ? -11.032 -0.371  3.622  1.00 0.00 ? 3  C   B "O4'"  1 
ATOM   330 C "C3'"  . C   B 1 3 ? -10.212 1.649   4.546  1.00 0.00 ? 3  C   B "C3'"  1 
ATOM   331 O "O3'"  . C   B 1 3 ? -10.023 1.602   5.959  1.00 0.00 ? 3  C   B "O3'"  1 
ATOM   332 C "C2'"  . C   B 1 3 ? -9.110  1.112   3.704  1.00 0.00 ? 3  C   B "C2'"  1 
ATOM   333 O "O2'"  . C   B 1 3 ? -7.815  1.217   4.293  1.00 0.00 ? 3  C   B "O2'"  1 
ATOM   334 C "C1'"  . C   B 1 3 ? -9.638  -0.276  3.399  1.00 0.00 ? 3  C   B "C1'"  1 
ATOM   335 N N1     . C   B 1 3 ? -9.305  -0.644  2.030  1.00 0.00 ? 3  C   B N1     1 
ATOM   336 C C2     . C   B 1 3 ? -8.714  -1.852  1.695  1.00 0.00 ? 3  C   B C2     1 
ATOM   337 O O2     . C   B 1 3 ? -8.468  -2.716  2.538  1.00 0.00 ? 3  C   B O2     1 
ATOM   338 N N3     . C   B 1 3 ? -8.393  -2.100  0.401  1.00 0.00 ? 3  C   B N3     1 
ATOM   339 C C4     . C   B 1 3 ? -8.595  -1.158  -0.506 1.00 0.00 ? 3  C   B C4     1 
ATOM   340 N N4     . C   B 1 3 ? -8.151  -1.401  -1.703 1.00 0.00 ? 3  C   B N4     1 
ATOM   341 C C5     . C   B 1 3 ? -9.243  0.064   -0.183 1.00 0.00 ? 3  C   B C5     1 
ATOM   342 C C6     . C   B 1 3 ? -9.601  0.247   1.066  1.00 0.00 ? 3  C   B C6     1 
ATOM   343 H "H5'"  . C   B 1 3 ? -11.910 1.505   2.210  1.00 0.00 ? 3  C   B "H5'"  1 
ATOM   344 H "H5''" . C   B 1 3 ? -13.350 1.099   3.131  1.00 0.00 ? 3  C   B "H5''" 1 
ATOM   345 H "H4'"  . C   B 1 3 ? -12.012 0.736   4.996  1.00 0.00 ? 3  C   B "H4'"  1 
ATOM   346 H "H3'"  . C   B 1 3 ? -10.215 2.612   4.111  1.00 0.00 ? 3  C   B "H3'"  1 
ATOM   347 H "HO3'" . C   B 1 3 ? -9.337  2.271   6.164  1.00 0.00 ? 3  C   B "HO3'" 1 
ATOM   348 H "H2'"  . C   B 1 3 ? -9.175  1.719   2.808  1.00 0.00 ? 3  C   B "H2'"  1 
ATOM   349 H "H1'"  . C   B 1 3 ? -9.107  -0.854  4.084  1.00 0.00 ? 3  C   B "H1'"  1 
ATOM   350 H H41    . C   B 1 3 ? -7.765  -2.325  -1.852 1.00 0.00 ? 3  C   B H41    1 
ATOM   351 H H42    . C   B 1 3 ? -8.291  -0.733  -2.441 1.00 0.00 ? 3  C   B H42    1 
ATOM   352 H H5     . C   B 1 3 ? -9.435  0.945   -0.738 1.00 0.00 ? 3  C   B H5     1 
ATOM   353 H H6     . C   B 1 3 ? -10.120 1.142   1.303  1.00 0.00 ? 3  C   B H6     1 
ATOM   354 P P      . G   B 1 4 ? -7.143  2.659   4.557  1.00 0.00 ? 4  G   B P      1 
ATOM   355 O OP1    . G   B 1 4 ? -6.528  3.091   3.286  1.00 0.00 ? 4  G   B OP1    1 
ATOM   356 O OP2    . G   B 1 4 ? -8.092  3.566   5.243  1.00 0.00 ? 4  G   B OP2    1 
ATOM   357 O "O5'"  . G   B 1 4 ? -5.969  2.357   5.582  1.00 0.00 ? 4  G   B "O5'"  1 
ATOM   358 C "C5'"  . G   B 1 4 ? -6.191  1.628   6.783  1.00 0.00 ? 4  G   B "C5'"  1 
ATOM   359 C "C4'"  . G   B 1 4 ? -5.061  0.602   6.911  1.00 0.00 ? 4  G   B "C4'"  1 
ATOM   360 O "O4'"  . G   B 1 4 ? -4.979  -0.181  5.747  1.00 0.00 ? 4  G   B "O4'"  1 
ATOM   361 C "C3'"  . G   B 1 4 ? -3.676  1.198   7.107  1.00 0.00 ? 4  G   B "C3'"  1 
ATOM   362 O "O3'"  . G   B 1 4 ? -3.483  1.897   8.333  1.00 0.00 ? 4  G   B "O3'"  1 
ATOM   363 C "C2'"  . G   B 1 4 ? -2.869  -0.074  6.867  1.00 0.00 ? 4  G   B "C2'"  1 
ATOM   364 O "O2'"  . G   B 1 4 ? -3.051  -1.003  7.931  1.00 0.00 ? 4  G   B "O2'"  1 
ATOM   365 C "C1'"  . G   B 1 4 ? -3.628  -0.579  5.650  1.00 0.00 ? 4  G   B "C1'"  1 
ATOM   366 N N9     . G   B 1 4 ? -3.132  0.031   4.390  1.00 0.00 ? 4  G   B N9     1 
ATOM   367 C C8     . G   B 1 4 ? -3.447  1.240   3.809  1.00 0.00 ? 4  G   B C8     1 
ATOM   368 N N7     . G   B 1 4 ? -3.038  1.379   2.578  1.00 0.00 ? 4  G   B N7     1 
ATOM   369 C C5     . G   B 1 4 ? -2.374  0.174   2.334  1.00 0.00 ? 4  G   B C5     1 
ATOM   370 C C6     . G   B 1 4 ? -1.785  -0.352  1.142  1.00 0.00 ? 4  G   B C6     1 
ATOM   371 O O6     . G   B 1 4 ? -1.812  0.112   0.005  1.00 0.00 ? 4  G   B O6     1 
ATOM   372 N N1     . G   B 1 4 ? -1.176  -1.578  1.340  1.00 0.00 ? 4  G   B N1     1 
ATOM   373 C C2     . G   B 1 4 ? -1.218  -2.275  2.505  1.00 0.00 ? 4  G   B C2     1 
ATOM   374 N N2     . G   B 1 4 ? -0.642  -3.444  2.553  1.00 0.00 ? 4  G   B N2     1 
ATOM   375 N N3     . G   B 1 4 ? -1.833  -1.862  3.605  1.00 0.00 ? 4  G   B N3     1 
ATOM   376 C C4     . G   B 1 4 ? -2.373  -0.619  3.462  1.00 0.00 ? 4  G   B C4     1 
ATOM   377 H "H5'"  . G   B 1 4 ? -7.147  1.090   6.745  1.00 0.00 ? 4  G   B "H5'"  1 
ATOM   378 H "H5''" . G   B 1 4 ? -6.191  2.306   7.633  1.00 0.00 ? 4  G   B "H5''" 1 
ATOM   379 H "H4'"  . G   B 1 4 ? -5.200  -0.084  7.734  1.00 0.00 ? 4  G   B "H4'"  1 
ATOM   380 H "H3'"  . G   B 1 4 ? -3.459  1.841   6.272  1.00 0.00 ? 4  G   B "H3'"  1 
ATOM   381 H "HO3'" . G   B 1 4 ? -2.819  1.399   8.865  1.00 0.00 ? 4  G   B "HO3'" 1 
ATOM   382 H "H2'"  . G   B 1 4 ? -1.836  0.062   6.592  1.00 0.00 ? 4  G   B "H2'"  1 
ATOM   383 H "H1'"  . G   B 1 4 ? -3.513  -1.646  5.606  1.00 0.00 ? 4  G   B "H1'"  1 
ATOM   384 H H8     . G   B 1 4 ? -4.037  1.997   4.303  1.00 0.00 ? 4  G   B H8     1 
ATOM   385 H H1     . G   B 1 4 ? -0.736  -1.999  0.538  1.00 0.00 ? 4  G   B H1     1 
ATOM   386 H H21    . G   B 1 4 ? -0.633  -3.940  3.426  1.00 0.00 ? 4  G   B H21    1 
ATOM   387 H H22    . G   B 1 4 ? -0.145  -3.774  1.730  1.00 0.00 ? 4  G   B H22    1 
ATOM   388 P P      . C   B 1 5 ? -2.115  -1.011  9.222  1.00 0.00 ? 5  C   B P      1 
ATOM   389 O OP1    . C   B 1 5 ? -1.766  0.372   9.613  1.00 0.00 ? 5  C   B OP1    1 
ATOM   390 O OP2    . C   B 1 5 ? -2.689  -1.944  10.229 1.00 0.00 ? 5  C   B OP2    1 
ATOM   391 O "O5'"  . C   B 1 5 ? -0.845  -1.673  8.553  1.00 0.00 ? 5  C   B "O5'"  1 
ATOM   392 C "C5'"  . C   B 1 5 ? -0.861  -3.040  8.171  1.00 0.00 ? 5  C   B "C5'"  1 
ATOM   393 C "C4'"  . C   B 1 5 ? 0.308   -3.373  7.251  1.00 0.00 ? 5  C   B "C4'"  1 
ATOM   394 O "O4'"  . C   B 1 5 ? 0.130   -2.809  5.961  1.00 0.00 ? 5  C   B "O4'"  1 
ATOM   395 C "C3'"  . C   B 1 5 ? 1.595   -2.821  7.860  1.00 0.00 ? 5  C   B "C3'"  1 
ATOM   396 O "O3'"  . C   B 1 5 ? 2.460   -3.927  8.128  1.00 0.00 ? 5  C   B "O3'"  1 
ATOM   397 C "C2'"  . C   B 1 5 ? 2.105   -1.782  6.859  1.00 0.00 ? 5  C   B "C2'"  1 
ATOM   398 O "O2'"  . C   B 1 5 ? 3.508   -1.874  6.677  1.00 0.00 ? 5  C   B "O2'"  1 
ATOM   399 C "C1'"  . C   B 1 5 ? 1.311   -2.112  5.610  1.00 0.00 ? 5  C   B "C1'"  1 
ATOM   400 N N1     . C   B 1 5 ? 0.971   -0.879  4.899  1.00 0.00 ? 5  C   B N1     1 
ATOM   401 C C2     . C   B 1 5 ? 1.396   -0.724  3.584  1.00 0.00 ? 5  C   B C2     1 
ATOM   402 O O2     . C   B 1 5 ? 2.037   -1.593  3.000  1.00 0.00 ? 5  C   B O2     1 
ATOM   403 N N3     . C   B 1 5 ? 1.094   0.399   2.906  1.00 0.00 ? 5  C   B N3     1 
ATOM   404 C C4     . C   B 1 5 ? 0.433   1.353   3.519  1.00 0.00 ? 5  C   B C4     1 
ATOM   405 N N4     . C   B 1 5 ? 0.143   2.383   2.780  1.00 0.00 ? 5  C   B N4     1 
ATOM   406 C C5     . C   B 1 5 ? 0.023   1.257   4.870  1.00 0.00 ? 5  C   B C5     1 
ATOM   407 C C6     . C   B 1 5 ? 0.302   0.121   5.532  1.00 0.00 ? 5  C   B C6     1 
ATOM   408 H "H5'"  . C   B 1 5 ? -1.769  -3.259  7.629  1.00 0.00 ? 5  C   B "H5'"  1 
ATOM   409 H "H5''" . C   B 1 5 ? -0.814  -3.677  9.053  1.00 0.00 ? 5  C   B "H5''" 1 
ATOM   410 H "H4'"  . C   B 1 5 ? 0.366   -4.454  7.143  1.00 0.00 ? 5  C   B "H4'"  1 
ATOM   411 H "H3'"  . C   B 1 5 ? 1.366   -2.263  8.754  1.00 0.00 ? 5  C   B "H3'"  1 
ATOM   412 H "HO3'" . C   B 1 5 ? 3.287   -3.544  8.492  1.00 0.00 ? 5  C   B "HO3'" 1 
ATOM   413 H "H2'"  . C   B 1 5 ? 1.784   -0.755  7.124  1.00 0.00 ? 5  C   B "H2'"  1 
ATOM   414 H "H1'"  . C   B 1 5 ? 1.924   -2.698  4.959  1.00 0.00 ? 5  C   B "H1'"  1 
ATOM   415 H H41    . C   B 1 5 ? 0.372   2.297   1.796  1.00 0.00 ? 5  C   B H41    1 
ATOM   416 H H42    . C   B 1 5 ? -0.435  3.118   3.147  1.00 0.00 ? 5  C   B H42    1 
ATOM   417 H H5     . C   B 1 5 ? -0.509  2.007   5.396  1.00 0.00 ? 5  C   B H5     1 
ATOM   418 H H6     . C   B 1 5 ? -0.017  -0.025  6.568  1.00 0.00 ? 5  C   B H6     1 
ATOM   419 P P      . G   B 1 6 ? 4.515   -1.395  7.833  1.00 0.00 ? 6  G   B P      1 
ATOM   420 O OP1    . G   B 1 6 ? 4.163   0.014   8.131  1.00 0.00 ? 6  G   B OP1    1 
ATOM   421 O OP2    . G   B 1 6 ? 4.541   -2.395  8.922  1.00 0.00 ? 6  G   B OP2    1 
ATOM   422 O "O5'"  . G   B 1 6 ? 5.923   -1.403  7.073  1.00 0.00 ? 6  G   B "O5'"  1 
ATOM   423 C "C5'"  . G   B 1 6 ? 6.558   -2.604  6.629  1.00 0.00 ? 6  G   B "C5'"  1 
ATOM   424 C "C4'"  . G   B 1 6 ? 7.840   -2.265  5.852  1.00 0.00 ? 6  G   B "C4'"  1 
ATOM   425 O "O4'"  . G   B 1 6 ? 7.582   -1.825  4.516  1.00 0.00 ? 6  G   B "O4'"  1 
ATOM   426 C "C3'"  . G   B 1 6 ? 8.727   -1.269  6.583  1.00 0.00 ? 6  G   B "C3'"  1 
ATOM   427 O "O3'"  . G   B 1 6 ? 9.561   -1.862  7.582  1.00 0.00 ? 6  G   B "O3'"  1 
ATOM   428 C "C2'"  . G   B 1 6 ? 9.488   -0.748  5.379  1.00 0.00 ? 6  G   B "C2'"  1 
ATOM   429 O "O2'"  . G   B 1 6 ? 10.630  -1.509  5.017  1.00 0.00 ? 6  G   B "O2'"  1 
ATOM   430 C "C1'"  . G   B 1 6 ? 8.530   -0.817  4.198  1.00 0.00 ? 6  G   B "C1'"  1 
ATOM   431 N N9     . G   B 1 6 ? 7.832   0.474   3.962  1.00 0.00 ? 6  G   B N9     1 
ATOM   432 C C8     . G   B 1 6 ? 7.279   1.341   4.864  1.00 0.00 ? 6  G   B C8     1 
ATOM   433 N N7     . G   B 1 6 ? 7.042   2.542   4.408  1.00 0.00 ? 6  G   B N7     1 
ATOM   434 C C5     . G   B 1 6 ? 7.384   2.433   3.056  1.00 0.00 ? 6  G   B C5     1 
ATOM   435 C C6     . G   B 1 6 ? 7.283   3.367   1.964  1.00 0.00 ? 6  G   B C6     1 
ATOM   436 O O6     . G   B 1 6 ? 6.916   4.543   1.988  1.00 0.00 ? 6  G   B O6     1 
ATOM   437 N N1     . G   B 1 6 ? 7.630   2.818   0.746  1.00 0.00 ? 6  G   B N1     1 
ATOM   438 C C2     . G   B 1 6 ? 7.961   1.519   0.567  1.00 0.00 ? 6  G   B C2     1 
ATOM   439 N N2     . G   B 1 6 ? 8.151   1.101   -0.649 1.00 0.00 ? 6  G   B N2     1 
ATOM   440 N N3     . G   B 1 6 ? 8.043   0.621   1.540  1.00 0.00 ? 6  G   B N3     1 
ATOM   441 C C4     . G   B 1 6 ? 7.767   1.142   2.766  1.00 0.00 ? 6  G   B C4     1 
ATOM   442 H "H5'"  . G   B 1 6 ? 5.888   -3.187  5.990  1.00 0.00 ? 6  G   B "H5'"  1 
ATOM   443 H "H5''" . G   B 1 6 ? 6.825   -3.211  7.499  1.00 0.00 ? 6  G   B "H5''" 1 
ATOM   444 H "H4'"  . G   B 1 6 ? 8.490   -3.119  5.758  1.00 0.00 ? 6  G   B "H4'"  1 
ATOM   445 H "H3'"  . G   B 1 6 ? 8.136   -0.458  7.010  1.00 0.00 ? 6  G   B "H3'"  1 
ATOM   446 H "HO3'" . G   B 1 6 ? 10.299  -1.250  7.783  1.00 0.00 ? 6  G   B "HO3'" 1 
ATOM   447 H "H2'"  . G   B 1 6 ? 9.719   0.277   5.562  1.00 0.00 ? 6  G   B "H2'"  1 
ATOM   448 H "H1'"  . G   B 1 6 ? 9.194   -1.020  3.334  1.00 0.00 ? 6  G   B "H1'"  1 
ATOM   449 H H8     . G   B 1 6 ? 7.025   1.019   5.849  1.00 0.00 ? 6  G   B H8     1 
ATOM   450 H H1     . G   B 1 6 ? 7.556   3.416   -0.061 1.00 0.00 ? 6  G   B H1     1 
ATOM   451 H H21    . G   B 1 6 ? 8.445   0.149   -0.787 1.00 0.00 ? 6  G   B H21    1 
ATOM   452 H H22    . G   B 1 6 ? 8.097   1.768   -1.412 1.00 0.00 ? 6  G   B H22    1 
ATOM   453 P P      . G   B 1 7 ? 12.097  -0.879  5.119  1.00 0.00 ? 7  G   B P      1 
ATOM   454 O OP1    . G   B 1 7 ? 12.208  -0.197  6.432  1.00 0.00 ? 7  G   B OP1    1 
ATOM   455 O OP2    . G   B 1 7 ? 13.067  -1.953  4.787  1.00 0.00 ? 7  G   B OP2    1 
ATOM   456 O "O5'"  . G   B 1 7 ? 12.212  0.257   3.972  1.00 0.00 ? 7  G   B "O5'"  1 
ATOM   457 C "C5'"  . G   B 1 7 ? 11.168  0.599   3.057  1.00 0.00 ? 7  G   B "C5'"  1 
ATOM   458 C "C4'"  . G   B 1 7 ? 11.026  -0.085  1.679  1.00 0.00 ? 7  G   B "C4'"  1 
ATOM   459 O "O4'"  . G   B 1 7 ? 10.857  0.925   0.714  1.00 0.00 ? 7  G   B "O4'"  1 
ATOM   460 C "C3'"  . G   B 1 7 ? 12.283  -0.776  1.253  1.00 0.00 ? 7  G   B "C3'"  1 
ATOM   461 O "O3'"  . G   B 1 7 ? 12.037  -1.936  0.466  1.00 0.00 ? 7  G   B "O3'"  1 
ATOM   462 C "C2'"  . G   B 1 7 ? 13.179  0.283   0.636  1.00 0.00 ? 7  G   B "C2'"  1 
ATOM   463 O "O2'"  . G   B 1 7 ? 14.027  -0.159  -0.418 1.00 0.00 ? 7  G   B "O2'"  1 
ATOM   464 C "C1'"  . G   B 1 7 ? 12.095  1.173   0.087  1.00 0.00 ? 7  G   B "C1'"  1 
ATOM   465 N N9     . G   B 1 7 ? 12.292  2.615   0.344  1.00 0.00 ? 7  G   B N9     1 
ATOM   466 C C8     . G   B 1 7 ? 12.621  3.128   1.571  1.00 0.00 ? 7  G   B C8     1 
ATOM   467 N N7     . G   B 1 7 ? 12.367  4.397   1.720  1.00 0.00 ? 7  G   B N7     1 
ATOM   468 C C5     . G   B 1 7 ? 11.818  4.759   0.479  1.00 0.00 ? 7  G   B C5     1 
ATOM   469 C C6     . G   B 1 7 ? 11.249  6.004   0.034  1.00 0.00 ? 7  G   B C6     1 
ATOM   470 O O6     . G   B 1 7 ? 11.053  7.048   0.656  1.00 0.00 ? 7  G   B O6     1 
ATOM   471 N N1     . G   B 1 7 ? 10.847  5.976   -1.280 1.00 0.00 ? 7  G   B N1     1 
ATOM   472 C C2     . G   B 1 7 ? 10.876  4.871   -2.059 1.00 0.00 ? 7  G   B C2     1 
ATOM   473 N N2     . G   B 1 7 ? 10.451  5.033   -3.287 1.00 0.00 ? 7  G   B N2     1 
ATOM   474 N N3     . G   B 1 7 ? 11.327  3.671   -1.669 1.00 0.00 ? 7  G   B N3     1 
ATOM   475 C C4     . G   B 1 7 ? 11.798  3.680   -0.381 1.00 0.00 ? 7  G   B C4     1 
ATOM   476 H "H5'"  . G   B 1 7 ? 11.381  1.581   2.782  1.00 0.00 ? 7  G   B "H5'"  1 
ATOM   477 H "H5''" . G   B 1 7 ? 10.228  0.763   3.539  1.00 0.00 ? 7  G   B "H5''" 1 
ATOM   478 H "H4'"  . G   B 1 7 ? 10.183  -0.761  1.687  1.00 0.00 ? 7  G   B "H4'"  1 
ATOM   479 H "H3'"  . G   B 1 7 ? 12.687  -0.981  2.192  1.00 0.00 ? 7  G   B "H3'"  1 
ATOM   480 H "HO3'" . G   B 1 7 ? 12.891  -2.398  0.351  1.00 0.00 ? 7  G   B "HO3'" 1 
ATOM   481 H "H2'"  . G   B 1 7 ? 13.741  0.806   1.396  1.00 0.00 ? 7  G   B "H2'"  1 
ATOM   482 H "H1'"  . G   B 1 7 ? 12.097  0.869   -0.922 1.00 0.00 ? 7  G   B "H1'"  1 
ATOM   483 H H8     . G   B 1 7 ? 13.002  2.457   2.361  1.00 0.00 ? 7  G   B H8     1 
ATOM   484 H H1     . G   B 1 7 ? 10.391  6.797   -1.637 1.00 0.00 ? 7  G   B H1     1 
ATOM   485 H H21    . G   B 1 7 ? 10.436  4.236   -3.905 1.00 0.00 ? 7  G   B H21    1 
ATOM   486 H H22    . G   B 1 7 ? 10.128  5.945   -3.593 1.00 0.00 ? 7  G   B H22    1 
ATOM   487 P P      . C   B 1 8 ? 15.322  -1.053  -0.121 1.00 0.00 ? 8  C   B P      1 
ATOM   488 O OP1    . C   B 1 8 ? 14.910  -2.307  0.557  1.00 0.00 ? 8  C   B OP1    1 
ATOM   489 O OP2    . C   B 1 8 ? 16.128  -1.130  -1.358 1.00 0.00 ? 8  C   B OP2    1 
ATOM   490 O "O5'"  . C   B 1 8 ? 16.050  -0.103  0.948  1.00 0.00 ? 8  C   B "O5'"  1 
ATOM   491 C "C5'"  . C   B 1 8 ? 17.169  0.701   0.615  1.00 0.00 ? 8  C   B "C5'"  1 
ATOM   492 C "C4'"  . C   B 1 8 ? 17.290  1.921   1.551  1.00 0.00 ? 8  C   B "C4'"  1 
ATOM   493 O "O4'"  . C   B 1 8 ? 17.541  3.166   0.929  1.00 0.00 ? 8  C   B "O4'"  1 
ATOM   494 C "C3'"  . C   B 1 8 ? 16.387  2.122   2.752  1.00 0.00 ? 8  C   B "C3'"  1 
ATOM   495 O "O3'"  . C   B 1 8 ? 17.064  2.308   3.996  1.00 0.00 ? 8  C   B "O3'"  1 
ATOM   496 C "C2'"  . C   B 1 8 ? 15.628  3.307   2.294  1.00 0.00 ? 8  C   B "C2'"  1 
ATOM   497 O "O2'"  . C   B 1 8 ? 15.006  4.079   3.325  1.00 0.00 ? 8  C   B "O2'"  1 
ATOM   498 C "C1'"  . C   B 1 8 ? 16.530  4.051   1.362  1.00 0.00 ? 8  C   B "C1'"  1 
ATOM   499 N N1     . C   B 1 8 ? 15.836  4.431   0.129  1.00 0.00 ? 8  C   B N1     1 
ATOM   500 C C2     . C   B 1 8 ? 15.528  5.726   -0.292 1.00 0.00 ? 8  C   B C2     1 
ATOM   501 O O2     . C   B 1 8 ? 15.765  6.711   0.402  1.00 0.00 ? 8  C   B O2     1 
ATOM   502 N N3     . C   B 1 8 ? 14.898  5.903   -1.493 1.00 0.00 ? 8  C   B N3     1 
ATOM   503 C C4     . C   B 1 8 ? 14.609  4.836   -2.230 1.00 0.00 ? 8  C   B C4     1 
ATOM   504 N N4     . C   B 1 8 ? 14.011  5.069   -3.365 1.00 0.00 ? 8  C   B N4     1 
ATOM   505 C C5     . C   B 1 8 ? 14.864  3.513   -1.768 1.00 0.00 ? 8  C   B C5     1 
ATOM   506 C C6     . C   B 1 8 ? 15.451  3.376   -0.603 1.00 0.00 ? 8  C   B C6     1 
ATOM   507 H "H5'"  . C   B 1 8 ? 17.118  1.042   -0.422 1.00 0.00 ? 8  C   B "H5'"  1 
ATOM   508 H "H5''" . C   B 1 8 ? 18.072  0.101   0.705  1.00 0.00 ? 8  C   B "H5''" 1 
ATOM   509 H "H4'"  . C   B 1 8 ? 18.156  1.745   2.010  1.00 0.00 ? 8  C   B "H4'"  1 
ATOM   510 H "H3'"  . C   B 1 8 ? 15.630  1.383   2.751  1.00 0.00 ? 8  C   B "H3'"  1 
ATOM   511 H "HO3'" . C   B 1 8 ? 16.447  2.794   4.583  1.00 0.00 ? 8  C   B "HO3'" 1 
ATOM   512 H "H2'"  . C   B 1 8 ? 14.952  2.769   1.683  1.00 0.00 ? 8  C   B "H2'"  1 
ATOM   513 H "HO2'" . C   B 1 8 ? 14.298  4.631   2.941  1.00 0.00 ? 8  C   B "HO2'" 1 
ATOM   514 H "H1'"  . C   B 1 8 ? 16.927  4.822   1.920  1.00 0.00 ? 8  C   B "H1'"  1 
ATOM   515 H H41    . C   B 1 8 ? 13.823  6.032   -3.631 1.00 0.00 ? 8  C   B H41    1 
ATOM   516 H H42    . C   B 1 8 ? 13.723  4.294   -3.940 1.00 0.00 ? 8  C   B H42    1 
ATOM   517 H H5     . C   B 1 8 ? 14.719  2.546   -2.170 1.00 0.00 ? 8  C   B H5     1 
ATOM   518 H H6     . C   B 1 8 ? 15.589  2.391   -0.222 1.00 0.00 ? 8  C   B H6     1 
HETATM 519 C C1     . PRL C 2 . ? 4.755   0.205   3.423  1.00 0.00 ? 17 PRL A C1     1 
HETATM 520 C C2     . PRL C 2 . ? 4.349   0.530   4.699  1.00 0.00 ? 17 PRL A C2     1 
HETATM 521 C C3     . PRL C 2 . ? 3.656   1.695   4.955  1.00 0.00 ? 17 PRL A C3     1 
HETATM 522 C C4     . PRL C 2 . ? 3.349   2.558   3.926  1.00 0.00 ? 17 PRL A C4     1 
HETATM 523 C C5     . PRL C 2 . ? 3.591   3.745   -0.687 1.00 0.00 ? 17 PRL A C5     1 
HETATM 524 C C6     . PRL C 2 . ? 3.944   3.457   -1.985 1.00 0.00 ? 17 PRL A C6     1 
HETATM 525 C C7     . PRL C 2 . ? 4.615   2.294   -2.312 1.00 0.00 ? 17 PRL A C7     1 
HETATM 526 C C8     . PRL C 2 . ? 4.949   1.377   -1.311 1.00 0.00 ? 17 PRL A C8     1 
HETATM 527 C C9     . PRL C 2 . ? 4.879   0.761   1.076  1.00 0.00 ? 17 PRL A C9     1 
HETATM 528 N N10    . PRL C 2 . ? 3.498   3.117   1.597  1.00 0.00 ? 17 PRL A N10    1 
HETATM 529 C C11    . PRL C 2 . ? 3.759   2.256   2.622  1.00 0.00 ? 17 PRL A C11    1 
HETATM 530 C C12    . PRL C 2 . ? 4.587   1.644   0.027  1.00 0.00 ? 17 PRL A C12    1 
HETATM 531 C C13    . PRL C 2 . ? 4.467   1.074   2.366  1.00 0.00 ? 17 PRL A C13    1 
HETATM 532 C C14    . PRL C 2 . ? 3.903   2.839   0.330  1.00 0.00 ? 17 PRL A C14    1 
HETATM 533 N N15    . PRL C 2 . ? 3.316   2.013   6.213  1.00 0.00 ? 17 PRL A N15    1 
HETATM 534 N N16    . PRL C 2 . ? 3.590   4.343   -2.923 1.00 0.00 ? 17 PRL A N16    1 
HETATM 535 H H1     . PRL C 2 . ? 5.288   -0.737  3.302  1.00 0.00 ? 17 PRL A H1     1 
HETATM 536 H H2     . PRL C 2 . ? 4.672   -0.109  5.500  1.00 0.00 ? 17 PRL A H2     1 
HETATM 537 H H4     . PRL C 2 . ? 2.742   3.415   4.171  1.00 0.00 ? 17 PRL A H4     1 
HETATM 538 H H5     . PRL C 2 . ? 3.146   4.711   -0.486 1.00 0.00 ? 17 PRL A H5     1 
HETATM 539 H H7     . PRL C 2 . ? 4.799   2.068   -3.371 1.00 0.00 ? 17 PRL A H7     1 
HETATM 540 H H8     . PRL C 2 . ? 5.439   0.443   -1.615 1.00 0.00 ? 17 PRL A H8     1 
HETATM 541 H H9     . PRL C 2 . ? 5.487   -0.132  0.967  1.00 0.00 ? 17 PRL A H9     1 
HETATM 542 H HNF1   . PRL C 2 . ? 2.389   2.404   6.276  1.00 0.00 ? 17 PRL A HNF1   1 
HETATM 543 H HNF2   . PRL C 2 . ? 3.543   1.275   6.886  1.00 0.00 ? 17 PRL A HNF2   1 
HETATM 544 H HNG1   . PRL C 2 . ? 3.304   3.878   -3.789 1.00 0.00 ? 17 PRL A HNG1   1 
HETATM 545 H HNG2   . PRL C 2 . ? 2.876   4.963   -2.577 1.00 0.00 ? 17 PRL A HNG2   1 
HETATM 546 H H10    . PRL C 2 . ? 2.979   3.962   1.775  1.00 0.00 ? 17 PRL A H10    1 
HETATM 547 C C1     . PRL D 2 . ? -4.902  -1.964  2.320  1.00 0.00 ? 17 PRL B C1     1 
HETATM 548 C C2     . PRL D 2 . ? -5.620  -0.757  2.396  1.00 0.00 ? 17 PRL B C2     1 
HETATM 549 C C3     . PRL D 2 . ? -5.849  -0.023  1.242  1.00 0.00 ? 17 PRL B C3     1 
HETATM 550 C C4     . PRL D 2 . ? -5.388  -0.444  0.013  1.00 0.00 ? 17 PRL B C4     1 
HETATM 551 C C5     . PRL D 2 . ? -3.001  -3.507  -2.721 1.00 0.00 ? 17 PRL B C5     1 
HETATM 552 C C6     . PRL D 2 . ? -2.264  -4.661  -2.867 1.00 0.00 ? 17 PRL B C6     1 
HETATM 553 C C7     . PRL D 2 . ? -1.989  -5.451  -1.770 1.00 0.00 ? 17 PRL B C7     1 
HETATM 554 C C8     . PRL D 2 . ? -2.447  -5.113  -0.511 1.00 0.00 ? 17 PRL B C8     1 
HETATM 555 C C9     . PRL D 2 . ? -3.674  -3.589  0.916  1.00 0.00 ? 17 PRL B C9     1 
HETATM 556 N N10    . PRL D 2 . ? -4.213  -2.008  -1.303 1.00 0.00 ? 17 PRL B N10    1 
HETATM 557 C C11    . PRL D 2 . ? -4.667  -1.633  -0.076 1.00 0.00 ? 17 PRL B C11    1 
HETATM 558 C C12    . PRL D 2 . ? -3.205  -3.949  -0.344 1.00 0.00 ? 17 PRL B C12    1 
HETATM 559 C C13    . PRL D 2 . ? -4.415  -2.411  1.071  1.00 0.00 ? 17 PRL B C13    1 
HETATM 560 C C14    . PRL D 2 . ? -3.478  -3.141  -1.459 1.00 0.00 ? 17 PRL B C14    1 
HETATM 561 N N15    . PRL D 2 . ? -6.516  1.136   1.273  1.00 0.00 ? 17 PRL B N15    1 
HETATM 562 N N16    . PRL D 2 . ? -1.810  -5.009  -4.082 1.00 0.00 ? 17 PRL B N16    1 
HETATM 563 H H1     . PRL D 2 . ? -4.671  -2.487  3.255  1.00 0.00 ? 17 PRL B H1     1 
HETATM 564 H H2     . PRL D 2 . ? -5.940  -0.339  3.365  1.00 0.00 ? 17 PRL B H2     1 
HETATM 565 H H4     . PRL D 2 . ? -5.626  0.139   -0.867 1.00 0.00 ? 17 PRL B H4     1 
HETATM 566 H H5     . PRL D 2 . ? -3.128  -2.882  -3.597 1.00 0.00 ? 17 PRL B H5     1 
HETATM 567 H H7     . PRL D 2 . ? -1.470  -6.382  -1.877 1.00 0.00 ? 17 PRL B H7     1 
HETATM 568 H H8     . PRL D 2 . ? -2.186  -5.787  0.296  1.00 0.00 ? 17 PRL B H8     1 
HETATM 569 H H9     . PRL D 2 . ? -3.498  -4.301  1.715  1.00 0.00 ? 17 PRL B H9     1 
HETATM 570 H HNF1   . PRL D 2 . ? -6.406  1.638   2.164  1.00 0.00 ? 17 PRL B HNF1   1 
HETATM 571 H HNF2   . PRL D 2 . ? -6.297  1.710   0.467  1.00 0.00 ? 17 PRL B HNF2   1 
HETATM 572 H HNG1   . PRL D 2 . ? -2.452  -4.746  -4.816 1.00 0.00 ? 17 PRL B HNG1   1 
HETATM 573 H HNG2   . PRL D 2 . ? -1.488  -5.980  -4.119 1.00 0.00 ? 17 PRL B HNG2   1 
HETATM 574 H H10    . PRL D 2 . ? -4.394  -1.419  -2.102 1.00 0.00 ? 17 PRL B H10    1 
# 
